data_2PWJ
#
_entry.id   2PWJ
#
_cell.length_a   61.880
_cell.length_b   66.400
_cell.length_c   77.230
_cell.angle_alpha   102.94
_cell.angle_beta   104.44
_cell.angle_gamma   99.07
#
_symmetry.space_group_name_H-M   'P 1'
#
_entity_poly.entity_id   1
_entity_poly.type   'polypeptide(L)'
_entity_poly.pdbx_seq_one_letter_code
;AKVATGTDILSAASNVSLQKARTWDEGVESKFSTTPVNDIFKDKKVVIFGLPGAYTGVCSSKHVPPYKHNIDKFKAKGVD
SVICVAINDPYTVNAWAEKIQAKDAIEFYGDFDGSFHKSLELTTDLSAGLLGIRSERWSAYVVDGKVKALNVEESPSDVK
VSGAETILGQI
;
_entity_poly.pdbx_strand_id   A,B,C,D,E,F
#
# COMPACT_ATOMS: atom_id res chain seq x y z
N LEU A 10 -2.39 28.46 2.55
CA LEU A 10 -1.34 27.55 2.00
C LEU A 10 -1.33 26.23 2.78
N SER A 11 -2.51 25.73 3.06
CA SER A 11 -2.65 24.49 3.78
C SER A 11 -2.24 23.30 2.91
N ALA A 12 -1.84 22.20 3.54
CA ALA A 12 -1.46 21.00 2.80
C ALA A 12 -2.68 20.53 2.01
N ALA A 13 -2.47 19.80 0.90
CA ALA A 13 -3.60 19.34 0.09
C ALA A 13 -3.32 18.21 -0.90
N SER A 14 -2.22 18.33 -1.65
CA SER A 14 -1.79 17.35 -2.66
C SER A 14 -0.57 17.96 -3.34
N ASN A 15 0.31 18.50 -2.50
CA ASN A 15 1.52 19.21 -2.90
C ASN A 15 2.81 18.54 -2.39
N VAL A 16 3.91 19.31 -2.41
CA VAL A 16 5.21 18.82 -1.96
C VAL A 16 5.52 19.23 -0.53
N SER A 17 5.29 18.34 0.42
CA SER A 17 5.56 18.65 1.82
C SER A 17 6.95 19.24 2.00
N LEU A 18 7.88 18.86 1.15
CA LEU A 18 9.25 19.34 1.29
C LEU A 18 9.42 20.86 1.55
N GLN A 19 9.53 21.16 2.85
CA GLN A 19 9.74 22.49 3.49
C GLN A 19 10.90 22.27 4.50
N LYS A 20 11.94 23.09 4.46
CA LYS A 20 13.13 22.94 5.35
C LYS A 20 12.98 22.74 6.88
N ALA A 21 11.90 22.11 7.33
CA ALA A 21 11.71 21.88 8.76
C ALA A 21 12.45 20.59 9.16
N ARG A 22 12.17 20.08 10.36
CA ARG A 22 12.78 18.85 10.85
C ARG A 22 12.05 18.36 12.10
N THR A 23 12.09 17.04 12.36
CA THR A 23 11.40 16.48 13.53
C THR A 23 12.34 15.65 14.45
N TRP A 24 11.87 15.22 15.63
CA TRP A 24 12.73 14.48 16.61
C TRP A 24 12.49 12.99 16.97
N ASP A 25 12.39 12.53 18.25
CA ASP A 25 12.32 11.04 18.45
C ASP A 25 12.41 10.07 19.70
N GLU A 26 13.61 10.30 20.20
CA GLU A 26 14.60 9.56 20.94
C GLU A 26 14.23 9.25 22.43
N GLY A 27 15.17 9.20 23.35
CA GLY A 27 14.81 8.93 24.74
C GLY A 27 15.82 9.48 25.74
N VAL A 28 16.04 10.79 25.67
CA VAL A 28 16.98 11.55 26.52
C VAL A 28 18.43 11.10 26.33
N GLU A 29 18.81 10.93 25.07
CA GLU A 29 20.14 10.50 24.66
C GLU A 29 20.87 11.76 24.13
N SER A 30 21.95 12.11 24.80
CA SER A 30 22.76 13.30 24.51
C SER A 30 23.61 13.34 23.23
N LYS A 31 23.20 14.23 22.32
CA LYS A 31 23.82 14.52 21.01
C LYS A 31 22.87 15.55 20.39
N PHE A 32 21.58 15.34 20.67
CA PHE A 32 20.46 16.17 20.23
C PHE A 32 20.23 16.31 18.72
N SER A 33 20.64 15.30 17.97
CA SER A 33 20.46 15.33 16.51
C SER A 33 18.98 15.40 16.15
N THR A 34 18.70 15.97 14.99
CA THR A 34 17.35 16.12 14.49
C THR A 34 17.32 15.69 13.01
N THR A 35 16.23 15.04 12.62
CA THR A 35 16.05 14.52 11.28
C THR A 35 15.43 15.45 10.26
N PRO A 36 16.18 15.88 9.25
CA PRO A 36 15.65 16.77 8.22
C PRO A 36 14.52 16.07 7.45
N VAL A 37 13.44 16.79 7.18
CA VAL A 37 12.31 16.19 6.49
C VAL A 37 12.68 15.46 5.20
N ASN A 38 13.75 15.87 4.54
CA ASN A 38 14.12 15.19 3.31
C ASN A 38 14.45 13.74 3.60
N ASP A 39 15.32 13.50 4.58
CA ASP A 39 15.71 12.15 4.94
C ASP A 39 14.50 11.26 5.26
N ILE A 40 13.36 11.89 5.54
CA ILE A 40 12.16 11.15 5.86
C ILE A 40 11.25 10.86 4.67
N PHE A 41 11.06 11.83 3.79
CA PHE A 41 10.18 11.66 2.65
C PHE A 41 10.81 11.48 1.29
N LYS A 42 12.04 11.97 1.11
CA LYS A 42 12.69 11.86 -0.19
C LYS A 42 12.82 10.43 -0.68
N ASP A 43 12.40 10.22 -1.91
CA ASP A 43 12.47 8.90 -2.55
C ASP A 43 11.80 7.77 -1.75
N LYS A 44 10.81 8.10 -0.92
CA LYS A 44 10.12 7.07 -0.15
C LYS A 44 8.60 7.19 -0.16
N LYS A 45 7.93 6.09 0.13
CA LYS A 45 6.48 6.08 0.22
C LYS A 45 6.24 6.16 1.72
N VAL A 46 5.67 7.27 2.18
CA VAL A 46 5.45 7.41 3.60
C VAL A 46 4.01 7.56 4.02
N VAL A 47 3.63 6.83 5.07
CA VAL A 47 2.31 6.91 5.63
C VAL A 47 2.57 7.59 6.96
N ILE A 48 1.99 8.77 7.14
CA ILE A 48 2.21 9.51 8.37
C ILE A 48 0.91 10.04 8.96
N PHE A 49 0.80 9.94 10.28
CA PHE A 49 -0.37 10.44 10.95
C PHE A 49 0.05 11.25 12.17
N GLY A 50 -0.63 12.35 12.41
CA GLY A 50 -0.32 13.20 13.55
C GLY A 50 -1.50 13.23 14.50
N LEU A 51 -1.25 13.59 15.75
CA LEU A 51 -2.31 13.65 16.74
C LEU A 51 -2.03 14.72 17.78
N PRO A 52 -3.08 15.17 18.50
CA PRO A 52 -2.93 16.21 19.52
C PRO A 52 -1.72 16.04 20.42
N GLY A 53 -1.42 14.81 20.84
CA GLY A 53 -0.26 14.64 21.69
C GLY A 53 -0.26 13.46 22.62
N ALA A 54 0.94 13.10 23.07
CA ALA A 54 1.14 11.98 23.99
C ALA A 54 0.24 12.10 25.21
N TYR A 55 -0.25 10.96 25.68
CA TYR A 55 -1.10 10.88 26.86
C TYR A 55 -2.43 11.65 26.78
N THR A 56 -2.95 11.87 25.58
CA THR A 56 -4.22 12.59 25.45
C THR A 56 -5.41 11.76 25.01
N GLY A 57 -6.59 12.37 25.11
CA GLY A 57 -7.85 11.74 24.74
C GLY A 57 -7.88 10.32 24.21
N VAL A 58 -8.36 10.19 22.97
CA VAL A 58 -8.46 8.90 22.32
C VAL A 58 -7.31 8.58 21.36
N CYS A 59 -6.15 9.17 21.62
CA CYS A 59 -4.98 8.92 20.79
C CYS A 59 -4.47 7.53 21.11
N SER A 60 -3.99 7.39 22.33
CA SER A 60 -3.46 6.12 22.81
C SER A 60 -4.60 5.23 23.24
N SER A 61 -5.58 5.07 22.35
CA SER A 61 -6.74 4.24 22.63
C SER A 61 -7.37 3.68 21.36
N LYS A 62 -7.54 4.53 20.35
CA LYS A 62 -8.14 4.08 19.10
C LYS A 62 -7.35 4.47 17.86
N HIS A 63 -6.51 5.49 17.98
CA HIS A 63 -5.78 5.94 16.81
C HIS A 63 -4.50 5.17 16.51
N VAL A 64 -3.61 5.08 17.48
CA VAL A 64 -2.35 4.39 17.26
C VAL A 64 -2.44 2.89 16.98
N PRO A 65 -3.06 2.11 17.88
CA PRO A 65 -3.18 0.66 17.68
C PRO A 65 -3.44 0.17 16.25
N PRO A 66 -4.49 0.69 15.60
CA PRO A 66 -4.80 0.26 14.24
C PRO A 66 -3.61 0.28 13.30
N TYR A 67 -2.75 1.29 13.43
CA TYR A 67 -1.58 1.39 12.57
C TYR A 67 -0.57 0.30 12.89
N LYS A 68 -0.38 0.01 14.16
CA LYS A 68 0.54 -1.04 14.59
C LYS A 68 0.04 -2.38 14.08
N HIS A 69 -1.24 -2.62 14.29
CA HIS A 69 -1.87 -3.88 13.88
C HIS A 69 -1.88 -4.12 12.37
N ASN A 70 -1.78 -3.07 11.57
CA ASN A 70 -1.77 -3.22 10.11
C ASN A 70 -0.42 -2.89 9.51
N ILE A 71 0.61 -2.84 10.35
CA ILE A 71 1.94 -2.51 9.87
C ILE A 71 2.33 -3.41 8.67
N ASP A 72 1.91 -4.66 8.70
CA ASP A 72 2.23 -5.59 7.63
C ASP A 72 1.50 -5.23 6.33
N LYS A 73 0.20 -5.03 6.41
CA LYS A 73 -0.56 -4.68 5.22
C LYS A 73 0.07 -3.47 4.54
N PHE A 74 0.58 -2.53 5.33
CA PHE A 74 1.21 -1.34 4.77
C PHE A 74 2.44 -1.72 3.96
N LYS A 75 3.36 -2.43 4.59
CA LYS A 75 4.58 -2.84 3.90
C LYS A 75 4.26 -3.71 2.69
N ALA A 76 3.11 -4.38 2.74
CA ALA A 76 2.69 -5.23 1.63
C ALA A 76 2.37 -4.35 0.44
N LYS A 77 1.94 -3.12 0.71
CA LYS A 77 1.62 -2.20 -0.36
C LYS A 77 2.84 -1.41 -0.80
N GLY A 78 3.98 -1.71 -0.19
CA GLY A 78 5.21 -1.00 -0.55
C GLY A 78 5.54 0.23 0.28
N VAL A 79 4.82 0.45 1.36
CA VAL A 79 5.07 1.61 2.21
C VAL A 79 6.44 1.48 2.86
N ASP A 80 7.30 2.47 2.66
CA ASP A 80 8.63 2.46 3.24
C ASP A 80 8.61 2.65 4.76
N SER A 81 7.83 3.62 5.22
CA SER A 81 7.75 3.87 6.65
C SER A 81 6.40 4.40 7.09
N VAL A 82 6.01 4.02 8.30
CA VAL A 82 4.76 4.43 8.91
C VAL A 82 5.15 5.27 10.11
N ILE A 83 4.85 6.55 10.11
CA ILE A 83 5.26 7.36 11.24
C ILE A 83 4.18 8.17 11.91
N CYS A 84 4.37 8.36 13.21
CA CYS A 84 3.45 9.10 14.06
C CYS A 84 4.20 10.35 14.51
N VAL A 85 3.60 11.50 14.28
CA VAL A 85 4.23 12.74 14.67
C VAL A 85 3.30 13.51 15.60
N ALA A 86 3.88 14.29 16.50
CA ALA A 86 3.09 15.06 17.45
C ALA A 86 3.88 16.21 18.04
N ILE A 87 3.21 17.32 18.32
CA ILE A 87 3.88 18.46 18.91
C ILE A 87 4.10 18.18 20.39
N ASN A 88 5.15 17.41 20.66
CA ASN A 88 5.57 17.00 22.00
C ASN A 88 7.08 16.92 21.90
N ASP A 89 7.80 17.09 23.01
CA ASP A 89 9.25 16.97 22.94
C ASP A 89 9.46 15.49 22.63
N PRO A 90 10.60 15.14 22.02
CA PRO A 90 10.88 13.74 21.69
C PRO A 90 10.96 12.76 22.85
N TYR A 91 11.22 13.27 24.05
CA TYR A 91 11.36 12.42 25.23
C TYR A 91 10.00 11.97 25.76
N THR A 92 8.98 12.82 25.61
CA THR A 92 7.64 12.47 26.05
C THR A 92 7.00 11.55 25.01
N VAL A 93 7.26 11.84 23.73
CA VAL A 93 6.70 11.02 22.65
C VAL A 93 7.18 9.60 22.85
N ASN A 94 8.44 9.48 23.26
CA ASN A 94 9.04 8.17 23.48
C ASN A 94 8.48 7.48 24.72
N ALA A 95 8.40 8.22 25.82
CA ALA A 95 7.87 7.64 27.04
C ALA A 95 6.52 7.02 26.67
N TRP A 96 5.71 7.81 25.99
CA TRP A 96 4.39 7.42 25.55
C TRP A 96 4.42 6.26 24.57
N ALA A 97 5.34 6.31 23.62
CA ALA A 97 5.45 5.24 22.64
C ALA A 97 5.79 3.93 23.33
N GLU A 98 6.63 4.00 24.35
CA GLU A 98 7.01 2.81 25.09
C GLU A 98 5.80 2.29 25.84
N LYS A 99 5.14 3.19 26.54
CA LYS A 99 3.96 2.86 27.34
C LYS A 99 2.92 2.07 26.56
N ILE A 100 2.65 2.47 25.34
CA ILE A 100 1.66 1.78 24.53
C ILE A 100 2.32 0.78 23.59
N GLN A 101 3.51 0.33 23.93
CA GLN A 101 4.26 -0.62 23.12
C GLN A 101 4.01 -0.45 21.63
N ALA A 102 4.13 0.79 21.15
CA ALA A 102 3.90 1.06 19.75
C ALA A 102 5.18 1.27 18.97
N LYS A 103 6.31 1.37 19.67
CA LYS A 103 7.58 1.55 18.98
C LYS A 103 7.85 0.26 18.21
N ASP A 104 9.01 0.18 17.57
CA ASP A 104 9.43 -0.99 16.79
C ASP A 104 8.48 -1.36 15.67
N ALA A 105 7.25 -0.86 15.74
CA ALA A 105 6.23 -1.11 14.73
C ALA A 105 6.03 0.17 13.93
N ILE A 106 6.00 1.28 14.66
CA ILE A 106 5.81 2.61 14.09
C ILE A 106 6.93 3.55 14.54
N GLU A 107 7.45 4.34 13.62
CA GLU A 107 8.50 5.30 13.95
C GLU A 107 7.87 6.57 14.53
N PHE A 108 8.18 6.86 15.79
CA PHE A 108 7.61 8.05 16.44
C PHE A 108 8.55 9.23 16.36
N TYR A 109 8.02 10.38 15.95
CA TYR A 109 8.80 11.61 15.86
C TYR A 109 8.13 12.72 16.67
N GLY A 110 8.91 13.70 17.07
CA GLY A 110 8.37 14.82 17.80
C GLY A 110 8.48 16.04 16.91
N ASP A 111 7.82 17.13 17.31
CA ASP A 111 7.84 18.41 16.58
C ASP A 111 7.64 19.49 17.64
N PHE A 112 8.57 19.56 18.59
CA PHE A 112 8.45 20.51 19.69
C PHE A 112 8.23 21.96 19.25
N ASP A 113 8.82 22.32 18.11
CA ASP A 113 8.69 23.66 17.51
C ASP A 113 7.25 23.88 17.09
N GLY A 114 6.69 22.82 16.49
CA GLY A 114 5.35 22.89 15.96
C GLY A 114 5.60 23.42 14.56
N SER A 115 6.87 23.67 14.26
CA SER A 115 7.26 24.19 12.95
C SER A 115 6.85 23.27 11.81
N PHE A 116 6.94 21.96 12.02
CA PHE A 116 6.54 21.06 10.94
C PHE A 116 5.09 21.29 10.57
N HIS A 117 4.19 21.25 11.56
CA HIS A 117 2.77 21.43 11.31
C HIS A 117 2.42 22.87 10.89
N LYS A 118 3.17 23.82 11.41
CA LYS A 118 2.92 25.21 11.07
C LYS A 118 3.15 25.42 9.57
N SER A 119 4.13 24.74 9.01
CA SER A 119 4.44 24.87 7.59
C SER A 119 3.37 24.22 6.72
N LEU A 120 2.58 23.34 7.31
CA LEU A 120 1.52 22.67 6.57
C LEU A 120 0.17 23.20 7.02
N GLU A 121 0.19 24.13 7.97
CA GLU A 121 -1.02 24.74 8.52
C GLU A 121 -1.90 23.70 9.19
N LEU A 122 -1.25 22.82 9.95
CA LEU A 122 -1.96 21.77 10.65
C LEU A 122 -1.92 21.94 12.16
N THR A 123 -1.89 23.19 12.61
CA THR A 123 -1.88 23.45 14.05
C THR A 123 -3.25 23.97 14.41
N THR A 124 -3.71 23.66 15.61
CA THR A 124 -5.00 24.12 16.09
C THR A 124 -4.83 24.47 17.57
N ASP A 125 -5.59 25.43 18.08
CA ASP A 125 -5.44 25.83 19.47
C ASP A 125 -6.25 24.97 20.42
N LEU A 126 -5.56 24.19 21.25
CA LEU A 126 -6.22 23.32 22.20
C LEU A 126 -5.97 23.75 23.62
N SER A 127 -5.97 25.07 23.84
CA SER A 127 -5.74 25.62 25.17
C SER A 127 -6.92 25.33 26.11
N ALA A 128 -8.11 25.14 25.55
CA ALA A 128 -9.26 24.84 26.36
C ALA A 128 -9.06 23.49 27.01
N GLY A 129 -8.39 22.59 26.29
CA GLY A 129 -8.14 21.26 26.81
C GLY A 129 -6.88 21.19 27.65
N LEU A 130 -6.24 22.34 27.86
CA LEU A 130 -5.02 22.42 28.67
C LEU A 130 -3.75 21.95 27.97
N LEU A 131 -3.82 21.81 26.64
CA LEU A 131 -2.65 21.44 25.83
C LEU A 131 -2.42 22.74 25.09
N GLY A 132 -1.19 23.10 24.81
CA GLY A 132 -1.02 24.37 24.10
C GLY A 132 -1.51 24.30 22.67
N ILE A 133 -0.80 24.99 21.79
CA ILE A 133 -1.10 24.98 20.37
C ILE A 133 -0.58 23.62 19.92
N ARG A 134 -1.46 22.79 19.37
CA ARG A 134 -1.07 21.46 18.93
C ARG A 134 -1.42 21.21 17.49
N SER A 135 -1.16 20.01 17.01
CA SER A 135 -1.49 19.66 15.64
C SER A 135 -2.89 19.08 15.60
N GLU A 136 -3.49 19.05 14.41
CA GLU A 136 -4.81 18.47 14.28
C GLU A 136 -4.58 16.98 14.15
N ARG A 137 -5.66 16.21 14.14
CA ARG A 137 -5.49 14.79 13.98
C ARG A 137 -5.61 14.54 12.48
N TRP A 138 -4.52 14.07 11.90
CA TRP A 138 -4.47 13.83 10.47
C TRP A 138 -3.65 12.60 10.13
N SER A 139 -3.71 12.22 8.87
CA SER A 139 -2.98 11.08 8.34
C SER A 139 -2.77 11.41 6.88
N ALA A 140 -1.70 10.92 6.29
CA ALA A 140 -1.47 11.21 4.89
C ALA A 140 -0.49 10.22 4.28
N TYR A 141 -0.64 9.99 2.98
CA TYR A 141 0.24 9.09 2.25
C TYR A 141 1.06 10.01 1.37
N VAL A 142 2.37 10.02 1.59
CA VAL A 142 3.26 10.89 0.82
C VAL A 142 4.31 10.12 0.03
N VAL A 143 4.33 10.35 -1.28
CA VAL A 143 5.28 9.68 -2.16
C VAL A 143 6.34 10.66 -2.65
N ASP A 144 7.59 10.39 -2.28
CA ASP A 144 8.71 11.25 -2.65
C ASP A 144 8.36 12.71 -2.33
N GLY A 145 7.80 12.91 -1.14
CA GLY A 145 7.45 14.26 -0.73
C GLY A 145 6.13 14.82 -1.22
N LYS A 146 5.46 14.13 -2.14
CA LYS A 146 4.18 14.64 -2.64
C LYS A 146 3.00 13.97 -1.96
N VAL A 147 2.05 14.79 -1.51
CA VAL A 147 0.88 14.28 -0.83
C VAL A 147 -0.14 13.70 -1.79
N LYS A 148 -0.23 12.37 -1.81
CA LYS A 148 -1.18 11.68 -2.69
C LYS A 148 -2.54 11.55 -2.01
N ALA A 149 -2.54 11.52 -0.68
CA ALA A 149 -3.77 11.40 0.07
C ALA A 149 -3.64 12.13 1.41
N LEU A 150 -4.66 12.91 1.75
CA LEU A 150 -4.67 13.69 2.97
C LEU A 150 -6.00 13.55 3.72
N ASN A 151 -5.93 13.33 5.02
CA ASN A 151 -7.11 13.18 5.84
C ASN A 151 -6.97 14.02 7.10
N VAL A 152 -7.85 14.97 7.30
CA VAL A 152 -7.78 15.81 8.48
C VAL A 152 -9.11 15.73 9.21
N GLU A 153 -9.11 15.24 10.44
CA GLU A 153 -10.35 15.14 11.21
C GLU A 153 -11.00 16.51 11.31
N GLU A 154 -12.32 16.55 11.39
CA GLU A 154 -13.03 17.83 11.51
C GLU A 154 -12.82 18.36 12.91
N SER A 155 -12.74 17.43 13.85
CA SER A 155 -12.54 17.75 15.26
C SER A 155 -11.39 16.86 15.74
N PRO A 156 -10.34 17.47 16.32
CA PRO A 156 -9.20 16.69 16.80
C PRO A 156 -9.52 15.47 17.67
N SER A 157 -10.68 15.46 18.31
CA SER A 157 -11.05 14.32 19.16
C SER A 157 -11.70 13.17 18.41
N ASP A 158 -11.99 13.35 17.13
CA ASP A 158 -12.62 12.32 16.30
C ASP A 158 -11.55 11.50 15.59
N VAL A 159 -11.84 10.23 15.35
CA VAL A 159 -10.92 9.37 14.62
C VAL A 159 -11.75 8.74 13.51
N LYS A 160 -12.36 9.60 12.70
CA LYS A 160 -13.21 9.14 11.61
C LYS A 160 -12.49 8.99 10.28
N VAL A 161 -11.55 9.88 9.99
CA VAL A 161 -10.87 9.80 8.70
C VAL A 161 -9.37 9.60 8.71
N SER A 162 -8.73 9.79 9.86
CA SER A 162 -7.29 9.65 9.94
C SER A 162 -6.82 8.27 10.41
N GLY A 163 -7.77 7.35 10.57
CA GLY A 163 -7.43 6.02 11.04
C GLY A 163 -6.61 5.22 10.04
N ALA A 164 -5.96 4.16 10.51
CA ALA A 164 -5.13 3.32 9.64
C ALA A 164 -5.98 2.67 8.54
N GLU A 165 -7.17 2.23 8.92
CA GLU A 165 -8.07 1.56 7.99
C GLU A 165 -8.31 2.40 6.74
N THR A 166 -8.56 3.70 6.92
CA THR A 166 -8.84 4.57 5.79
C THR A 166 -7.64 4.78 4.87
N ILE A 167 -6.56 5.34 5.41
CA ILE A 167 -5.37 5.61 4.63
C ILE A 167 -4.92 4.35 3.90
N LEU A 168 -5.11 3.21 4.54
CA LEU A 168 -4.71 1.94 3.93
C LEU A 168 -5.47 1.70 2.63
N GLY A 169 -6.77 2.01 2.67
CA GLY A 169 -7.59 1.82 1.49
C GLY A 169 -7.34 2.84 0.42
N GLN A 170 -6.47 3.81 0.71
CA GLN A 170 -6.15 4.88 -0.25
C GLN A 170 -4.81 4.71 -0.95
N ILE A 171 -3.97 3.81 -0.45
CA ILE A 171 -2.67 3.57 -1.07
C ILE A 171 -2.83 2.69 -2.31
N LEU B 10 -37.18 -19.03 -0.22
CA LEU B 10 -37.45 -18.20 0.99
C LEU B 10 -36.29 -17.24 1.27
N SER B 11 -35.81 -16.57 0.23
CA SER B 11 -34.73 -15.63 0.43
C SER B 11 -35.28 -14.35 1.08
N ALA B 12 -34.47 -13.70 1.92
CA ALA B 12 -34.89 -12.46 2.57
C ALA B 12 -35.13 -11.45 1.44
N ALA B 13 -36.01 -10.48 1.67
CA ALA B 13 -36.30 -9.49 0.62
C ALA B 13 -36.97 -8.18 1.06
N SER B 14 -38.00 -8.30 1.89
CA SER B 14 -38.77 -7.16 2.41
C SER B 14 -39.94 -7.78 3.18
N ASN B 15 -39.58 -8.79 3.98
CA ASN B 15 -40.51 -9.59 4.77
C ASN B 15 -40.26 -9.51 6.28
N VAL B 16 -40.81 -10.48 7.02
CA VAL B 16 -40.65 -10.52 8.47
C VAL B 16 -39.55 -11.48 8.91
N SER B 17 -38.37 -10.94 9.20
CA SER B 17 -37.25 -11.77 9.63
C SER B 17 -37.65 -12.73 10.75
N LEU B 18 -38.62 -12.33 11.56
CA LEU B 18 -39.04 -13.16 12.68
C LEU B 18 -39.27 -14.65 12.39
N GLN B 19 -38.18 -15.42 12.65
CA GLN B 19 -38.04 -16.88 12.52
C GLN B 19 -37.39 -17.33 13.85
N LYS B 20 -37.96 -18.33 14.53
CA LYS B 20 -37.46 -18.80 15.85
C LYS B 20 -35.97 -19.13 16.10
N ALA B 21 -35.06 -18.44 15.41
CA ALA B 21 -33.63 -18.69 15.59
C ALA B 21 -33.12 -17.86 16.78
N ARG B 22 -31.81 -17.77 16.94
CA ARG B 22 -31.22 -16.97 18.01
C ARG B 22 -29.72 -16.77 17.75
N THR B 23 -29.14 -15.68 18.27
CA THR B 23 -27.71 -15.41 18.08
C THR B 23 -26.93 -15.23 19.41
N TRP B 24 -25.57 -15.14 19.37
CA TRP B 24 -24.73 -15.04 20.60
C TRP B 24 -23.92 -13.75 20.96
N ASP B 25 -22.59 -13.78 21.30
CA ASP B 25 -21.99 -12.49 21.80
C ASP B 25 -20.65 -12.07 22.54
N GLU B 26 -20.48 -12.89 23.60
CA GLU B 26 -19.96 -12.64 24.95
C GLU B 26 -18.43 -12.80 24.88
N GLY B 27 -17.83 -13.28 25.97
CA GLY B 27 -16.39 -13.44 25.98
C GLY B 27 -15.94 -14.53 26.94
N VAL B 28 -16.44 -15.74 26.70
CA VAL B 28 -16.16 -16.95 27.50
C VAL B 28 -16.64 -16.85 28.94
N GLU B 29 -17.87 -16.35 29.09
CA GLU B 29 -18.52 -16.17 30.37
C GLU B 29 -19.56 -17.28 30.51
N SER B 30 -19.36 -18.11 31.54
CA SER B 30 -20.20 -19.28 31.82
C SER B 30 -21.64 -19.09 32.32
N LYS B 31 -22.59 -19.48 31.46
CA LYS B 31 -24.05 -19.44 31.66
C LYS B 31 -24.61 -19.92 30.32
N PHE B 32 -23.93 -19.50 29.26
CA PHE B 32 -24.22 -19.81 27.87
C PHE B 32 -25.57 -19.36 27.32
N SER B 33 -26.10 -18.30 27.91
CA SER B 33 -27.38 -17.76 27.48
C SER B 33 -27.32 -17.36 26.01
N THR B 34 -28.50 -17.16 25.41
CA THR B 34 -28.59 -16.74 24.02
C THR B 34 -29.75 -15.77 23.87
N THR B 35 -29.64 -14.90 22.88
CA THR B 35 -30.65 -13.89 22.63
C THR B 35 -31.64 -14.20 21.50
N PRO B 36 -32.88 -14.55 21.83
CA PRO B 36 -33.92 -14.86 20.84
C PRO B 36 -34.09 -13.68 19.88
N VAL B 37 -34.22 -13.96 18.59
CA VAL B 37 -34.34 -12.90 17.60
C VAL B 37 -35.41 -11.87 17.92
N ASN B 38 -36.44 -12.28 18.65
CA ASN B 38 -37.50 -11.33 19.00
C ASN B 38 -36.94 -10.20 19.85
N ASP B 39 -36.23 -10.55 20.92
CA ASP B 39 -35.64 -9.55 21.81
C ASP B 39 -34.74 -8.58 21.04
N ILE B 40 -34.34 -8.96 19.83
CA ILE B 40 -33.48 -8.12 19.02
C ILE B 40 -34.21 -7.20 18.06
N PHE B 41 -35.22 -7.72 17.36
CA PHE B 41 -35.95 -6.92 16.38
C PHE B 41 -37.34 -6.45 16.76
N LYS B 42 -38.00 -7.13 17.69
CA LYS B 42 -39.35 -6.73 18.08
C LYS B 42 -39.44 -5.30 18.58
N ASP B 43 -40.38 -4.55 18.01
CA ASP B 43 -40.61 -3.16 18.39
C ASP B 43 -39.38 -2.27 18.31
N LYS B 44 -38.42 -2.61 17.45
CA LYS B 44 -37.22 -1.80 17.32
C LYS B 44 -36.80 -1.53 15.88
N LYS B 45 -36.05 -0.45 15.70
CA LYS B 45 -35.53 -0.11 14.38
C LYS B 45 -34.11 -0.66 14.44
N VAL B 46 -33.82 -1.68 13.63
CA VAL B 46 -32.50 -2.26 13.66
C VAL B 46 -31.73 -2.17 12.34
N VAL B 47 -30.45 -1.79 12.46
CA VAL B 47 -29.56 -1.73 11.32
C VAL B 47 -28.62 -2.88 11.61
N ILE B 48 -28.60 -3.88 10.72
CA ILE B 48 -27.76 -5.04 10.92
C ILE B 48 -26.99 -5.40 9.68
N PHE B 49 -25.72 -5.76 9.87
CA PHE B 49 -24.91 -6.16 8.74
C PHE B 49 -24.15 -7.42 9.09
N GLY B 50 -24.04 -8.33 8.12
CA GLY B 50 -23.32 -9.57 8.34
C GLY B 50 -22.11 -9.64 7.44
N LEU B 51 -21.14 -10.48 7.80
CA LEU B 51 -19.94 -10.61 7.00
C LEU B 51 -19.36 -12.03 7.10
N PRO B 52 -18.52 -12.42 6.15
CA PRO B 52 -17.92 -13.76 6.14
C PRO B 52 -17.38 -14.24 7.47
N GLY B 53 -16.80 -13.34 8.25
CA GLY B 53 -16.30 -13.79 9.54
C GLY B 53 -15.11 -13.07 10.12
N ALA B 54 -14.95 -13.20 11.44
CA ALA B 54 -13.86 -12.58 12.18
C ALA B 54 -12.52 -12.89 11.55
N TYR B 55 -11.62 -11.89 11.57
CA TYR B 55 -10.27 -12.04 11.03
C TYR B 55 -10.17 -12.38 9.53
N THR B 56 -11.16 -12.00 8.73
CA THR B 56 -11.12 -12.29 7.31
C THR B 56 -10.95 -11.08 6.41
N GLY B 57 -10.69 -11.35 5.13
CA GLY B 57 -10.49 -10.36 4.09
C GLY B 57 -10.56 -8.90 4.43
N VAL B 58 -11.50 -8.21 3.80
CA VAL B 58 -11.70 -6.78 4.01
C VAL B 58 -12.81 -6.45 4.99
N CYS B 59 -13.11 -7.37 5.90
CA CYS B 59 -14.14 -7.13 6.90
C CYS B 59 -13.61 -6.12 7.91
N SER B 60 -12.59 -6.54 8.65
CA SER B 60 -11.95 -5.70 9.66
C SER B 60 -10.96 -4.76 8.98
N SER B 61 -11.44 -4.05 7.97
CA SER B 61 -10.61 -3.11 7.22
C SER B 61 -11.43 -2.01 6.57
N LYS B 62 -12.53 -2.37 5.92
CA LYS B 62 -13.38 -1.38 5.26
C LYS B 62 -14.86 -1.49 5.60
N HIS B 63 -15.29 -2.66 6.08
CA HIS B 63 -16.70 -2.84 6.38
C HIS B 63 -17.14 -2.36 7.76
N VAL B 64 -16.48 -2.84 8.80
CA VAL B 64 -16.87 -2.46 10.16
C VAL B 64 -16.68 -0.99 10.53
N PRO B 65 -15.46 -0.45 10.38
CA PRO B 65 -15.19 0.96 10.71
C PRO B 65 -16.29 1.97 10.37
N PRO B 66 -16.70 2.03 9.09
CA PRO B 66 -17.75 2.98 8.67
C PRO B 66 -18.97 3.00 9.57
N TYR B 67 -19.38 1.82 10.06
CA TYR B 67 -20.55 1.73 10.95
C TYR B 67 -20.24 2.35 12.32
N LYS B 68 -19.05 2.11 12.83
CA LYS B 68 -18.64 2.66 14.11
C LYS B 68 -18.58 4.17 14.02
N HIS B 69 -17.96 4.65 12.94
CA HIS B 69 -17.79 6.08 12.70
C HIS B 69 -19.09 6.84 12.48
N ASN B 70 -20.15 6.15 12.06
CA ASN B 70 -21.44 6.80 11.82
C ASN B 70 -22.48 6.38 12.84
N ILE B 71 -22.05 5.78 13.93
CA ILE B 71 -22.97 5.33 14.96
C ILE B 71 -23.92 6.45 15.39
N ASP B 72 -23.41 7.69 15.42
CA ASP B 72 -24.23 8.82 15.81
C ASP B 72 -25.30 9.14 14.79
N LYS B 73 -24.89 9.25 13.52
CA LYS B 73 -25.86 9.54 12.47
C LYS B 73 -27.02 8.55 12.50
N PHE B 74 -26.71 7.29 12.82
CA PHE B 74 -27.74 6.26 12.89
C PHE B 74 -28.74 6.59 13.98
N LYS B 75 -28.24 6.77 15.19
CA LYS B 75 -29.10 7.08 16.32
C LYS B 75 -29.88 8.37 16.08
N ALA B 76 -29.29 9.25 15.26
CA ALA B 76 -29.94 10.51 14.94
C ALA B 76 -31.19 10.23 14.11
N LYS B 77 -31.16 9.14 13.37
CA LYS B 77 -32.30 8.76 12.54
C LYS B 77 -33.28 7.89 13.32
N GLY B 78 -32.97 7.64 14.58
CA GLY B 78 -33.85 6.85 15.42
C GLY B 78 -33.55 5.37 15.46
N VAL B 79 -32.40 4.96 14.95
CA VAL B 79 -32.03 3.55 14.96
C VAL B 79 -31.80 3.08 16.40
N ASP B 80 -32.52 2.04 16.80
CA ASP B 80 -32.39 1.51 18.15
C ASP B 80 -31.05 0.81 18.36
N SER B 81 -30.67 -0.02 17.41
CA SER B 81 -29.41 -0.73 17.54
C SER B 81 -28.75 -1.03 16.21
N VAL B 82 -27.43 -1.02 16.23
CA VAL B 82 -26.61 -1.30 15.05
C VAL B 82 -25.84 -2.58 15.38
N ILE B 83 -26.12 -3.66 14.67
CA ILE B 83 -25.43 -4.89 14.98
C ILE B 83 -24.71 -5.58 13.85
N CYS B 84 -23.66 -6.28 14.22
CA CYS B 84 -22.82 -7.01 13.30
C CYS B 84 -22.98 -8.48 13.66
N VAL B 85 -23.33 -9.29 12.67
CA VAL B 85 -23.50 -10.70 12.92
C VAL B 85 -22.59 -11.49 12.00
N ALA B 86 -22.16 -12.66 12.44
CA ALA B 86 -21.27 -13.49 11.65
C ALA B 86 -21.29 -14.93 12.10
N ILE B 87 -21.14 -15.86 11.16
CA ILE B 87 -21.13 -17.26 11.51
C ILE B 87 -19.76 -17.59 12.09
N ASN B 88 -19.62 -17.26 13.38
CA ASN B 88 -18.42 -17.48 14.17
C ASN B 88 -18.93 -17.75 15.58
N ASP B 89 -18.17 -18.47 16.39
CA ASP B 89 -18.63 -18.70 17.76
C ASP B 89 -18.55 -17.31 18.38
N PRO B 90 -19.34 -17.07 19.43
CA PRO B 90 -19.34 -15.75 20.08
C PRO B 90 -18.02 -15.31 20.71
N TYR B 91 -17.16 -16.27 21.03
CA TYR B 91 -15.89 -15.94 21.68
C TYR B 91 -14.88 -15.38 20.68
N THR B 92 -14.94 -15.84 19.43
CA THR B 92 -14.04 -15.35 18.40
C THR B 92 -14.54 -14.00 17.90
N VAL B 93 -15.87 -13.86 17.81
CA VAL B 93 -16.46 -12.62 17.35
C VAL B 93 -16.02 -11.54 18.30
N ASN B 94 -16.01 -11.88 19.59
CA ASN B 94 -15.62 -10.93 20.62
C ASN B 94 -14.12 -10.60 20.57
N ALA B 95 -13.29 -11.63 20.49
CA ALA B 95 -11.86 -11.41 20.43
C ALA B 95 -11.61 -10.39 19.32
N TRP B 96 -12.23 -10.66 18.17
CA TRP B 96 -12.11 -9.82 17.00
C TRP B 96 -12.69 -8.43 17.24
N ALA B 97 -13.85 -8.37 17.87
CA ALA B 97 -14.50 -7.09 18.13
C ALA B 97 -13.60 -6.24 19.00
N GLU B 98 -12.94 -6.87 19.96
CA GLU B 98 -12.03 -6.17 20.86
C GLU B 98 -10.83 -5.66 20.08
N LYS B 99 -10.24 -6.56 19.30
CA LYS B 99 -9.09 -6.25 18.47
C LYS B 99 -9.28 -5.00 17.62
N ILE B 100 -10.44 -4.87 16.98
CA ILE B 100 -10.69 -3.70 16.15
C ILE B 100 -11.47 -2.62 16.90
N GLN B 101 -11.40 -2.66 18.23
CA GLN B 101 -12.08 -1.68 19.09
C GLN B 101 -13.41 -1.25 18.49
N ALA B 102 -14.23 -2.22 18.10
CA ALA B 102 -15.52 -1.92 17.51
C ALA B 102 -16.67 -2.14 18.48
N LYS B 103 -16.40 -2.78 19.60
CA LYS B 103 -17.46 -2.99 20.59
C LYS B 103 -17.87 -1.62 21.12
N ASP B 104 -18.78 -1.62 22.09
CA ASP B 104 -19.29 -0.39 22.71
C ASP B 104 -19.93 0.58 21.73
N ALA B 105 -19.62 0.42 20.45
CA ALA B 105 -20.18 1.25 19.40
C ALA B 105 -21.21 0.42 18.65
N ILE B 106 -20.84 -0.83 18.38
CA ILE B 106 -21.68 -1.77 17.65
C ILE B 106 -21.86 -3.05 18.44
N GLU B 107 -23.08 -3.57 18.48
CA GLU B 107 -23.36 -4.81 19.21
C GLU B 107 -22.99 -6.00 18.31
N PHE B 108 -22.01 -6.79 18.74
CA PHE B 108 -21.59 -7.94 17.96
C PHE B 108 -22.28 -9.21 18.40
N TYR B 109 -22.80 -9.97 17.44
CA TYR B 109 -23.45 -11.24 17.74
C TYR B 109 -22.84 -12.35 16.91
N GLY B 110 -22.96 -13.58 17.40
CA GLY B 110 -22.46 -14.73 16.68
C GLY B 110 -23.65 -15.55 16.18
N ASP B 111 -23.40 -16.50 15.29
CA ASP B 111 -24.42 -17.38 14.73
C ASP B 111 -23.68 -18.67 14.40
N PHE B 112 -23.12 -19.31 15.42
CA PHE B 112 -22.35 -20.53 15.21
C PHE B 112 -23.10 -21.61 14.44
N ASP B 113 -24.41 -21.69 14.63
CA ASP B 113 -25.28 -22.64 13.94
C ASP B 113 -25.29 -22.33 12.46
N GLY B 114 -25.38 -21.04 12.17
CA GLY B 114 -25.48 -20.58 10.81
C GLY B 114 -26.99 -20.61 10.57
N SER B 115 -27.71 -21.03 11.61
CA SER B 115 -29.17 -21.14 11.55
C SER B 115 -29.84 -19.80 11.25
N PHE B 116 -29.30 -18.72 11.80
CA PHE B 116 -29.92 -17.44 11.53
C PHE B 116 -29.88 -17.15 10.04
N HIS B 117 -28.70 -17.23 9.45
CA HIS B 117 -28.57 -16.96 8.03
C HIS B 117 -29.25 -18.01 7.15
N LYS B 118 -29.25 -19.25 7.61
CA LYS B 118 -29.88 -20.31 6.85
C LYS B 118 -31.38 -20.02 6.68
N SER B 119 -32.01 -19.46 7.72
CA SER B 119 -33.42 -19.16 7.66
C SER B 119 -33.72 -17.99 6.73
N LEU B 120 -32.70 -17.20 6.39
CA LEU B 120 -32.88 -16.07 5.51
C LEU B 120 -32.21 -16.35 4.17
N GLU B 121 -31.62 -17.55 4.07
CA GLU B 121 -30.92 -18.00 2.86
C GLU B 121 -29.76 -17.09 2.54
N LEU B 122 -29.01 -16.72 3.57
CA LEU B 122 -27.87 -15.84 3.41
C LEU B 122 -26.53 -16.55 3.68
N THR B 123 -26.48 -17.85 3.40
CA THR B 123 -25.25 -18.59 3.59
C THR B 123 -24.65 -18.85 2.22
N THR B 124 -23.32 -18.89 2.15
CA THR B 124 -22.64 -19.15 0.88
C THR B 124 -21.46 -20.03 1.24
N ASP B 125 -21.02 -20.87 0.32
CA ASP B 125 -19.91 -21.76 0.60
C ASP B 125 -18.55 -21.12 0.32
N LEU B 126 -17.80 -20.87 1.38
CA LEU B 126 -16.48 -20.27 1.25
C LEU B 126 -15.38 -21.24 1.60
N SER B 127 -15.54 -22.50 1.22
CA SER B 127 -14.55 -23.53 1.49
C SER B 127 -13.27 -23.32 0.68
N ALA B 128 -13.39 -22.62 -0.44
CA ALA B 128 -12.21 -22.37 -1.26
C ALA B 128 -11.30 -21.45 -0.49
N GLY B 129 -11.90 -20.55 0.29
CA GLY B 129 -11.12 -19.60 1.07
C GLY B 129 -10.69 -20.15 2.41
N LEU B 130 -11.02 -21.41 2.66
CA LEU B 130 -10.68 -22.09 3.91
C LEU B 130 -11.58 -21.73 5.12
N LEU B 131 -12.71 -21.11 4.84
CA LEU B 131 -13.69 -20.78 5.88
C LEU B 131 -14.80 -21.74 5.51
N GLY B 132 -15.53 -22.27 6.47
CA GLY B 132 -16.58 -23.20 6.08
C GLY B 132 -17.73 -22.52 5.36
N ILE B 133 -18.94 -23.00 5.62
CA ILE B 133 -20.14 -22.41 5.06
C ILE B 133 -20.33 -21.15 5.89
N ARG B 134 -20.35 -20.00 5.25
CA ARG B 134 -20.49 -18.74 5.98
C ARG B 134 -21.62 -17.91 5.43
N SER B 135 -21.79 -16.73 5.98
CA SER B 135 -22.85 -15.83 5.53
C SER B 135 -22.30 -14.93 4.42
N GLU B 136 -23.20 -14.35 3.65
CA GLU B 136 -22.77 -13.46 2.59
C GLU B 136 -22.53 -12.14 3.29
N ARG B 137 -22.04 -11.15 2.56
CA ARG B 137 -21.83 -9.85 3.15
C ARG B 137 -23.08 -9.07 2.82
N TRP B 138 -23.83 -8.72 3.86
CA TRP B 138 -25.07 -8.00 3.70
C TRP B 138 -25.27 -6.96 4.81
N SER B 139 -26.31 -6.16 4.64
CA SER B 139 -26.69 -5.14 5.60
C SER B 139 -28.17 -4.98 5.38
N ALA B 140 -28.90 -4.59 6.42
CA ALA B 140 -30.34 -4.41 6.26
C ALA B 140 -30.90 -3.56 7.37
N TYR B 141 -31.97 -2.85 7.05
CA TYR B 141 -32.64 -2.00 8.02
C TYR B 141 -33.94 -2.71 8.30
N VAL B 142 -34.15 -3.13 9.55
CA VAL B 142 -35.36 -3.84 9.92
C VAL B 142 -36.17 -3.13 11.00
N VAL B 143 -37.44 -2.88 10.69
CA VAL B 143 -38.34 -2.20 11.61
C VAL B 143 -39.38 -3.19 12.16
N ASP B 144 -39.34 -3.38 13.47
CA ASP B 144 -40.25 -4.31 14.12
C ASP B 144 -40.26 -5.64 13.38
N GLY B 145 -39.08 -6.13 13.04
CA GLY B 145 -38.96 -7.40 12.35
C GLY B 145 -39.18 -7.40 10.85
N LYS B 146 -39.62 -6.27 10.28
CA LYS B 146 -39.84 -6.24 8.83
C LYS B 146 -38.69 -5.58 8.11
N VAL B 147 -38.22 -6.23 7.05
CA VAL B 147 -37.11 -5.71 6.27
C VAL B 147 -37.53 -4.59 5.33
N LYS B 148 -37.14 -3.38 5.68
CA LYS B 148 -37.48 -2.21 4.87
C LYS B 148 -36.42 -2.00 3.80
N ALA B 149 -35.19 -2.43 4.08
CA ALA B 149 -34.10 -2.30 3.11
C ALA B 149 -33.13 -3.46 3.25
N LEU B 150 -32.73 -4.03 2.12
CA LEU B 150 -31.83 -5.16 2.10
C LEU B 150 -30.72 -4.97 1.08
N ASN B 151 -29.49 -5.27 1.47
CA ASN B 151 -28.34 -5.12 0.59
C ASN B 151 -27.49 -6.36 0.71
N VAL B 152 -27.31 -7.06 -0.40
CA VAL B 152 -26.48 -8.26 -0.42
C VAL B 152 -25.39 -8.12 -1.47
N GLU B 153 -24.13 -8.12 -1.05
CA GLU B 153 -23.02 -7.98 -2.00
C GLU B 153 -23.12 -9.09 -3.05
N GLU B 154 -22.65 -8.82 -4.27
CA GLU B 154 -22.69 -9.83 -5.31
C GLU B 154 -21.62 -10.86 -5.02
N SER B 155 -20.53 -10.38 -4.44
CA SER B 155 -19.40 -11.21 -4.09
C SER B 155 -19.06 -10.87 -2.64
N PRO B 156 -19.01 -11.88 -1.76
CA PRO B 156 -18.69 -11.64 -0.36
C PRO B 156 -17.46 -10.77 -0.08
N SER B 157 -16.53 -10.70 -1.03
CA SER B 157 -15.33 -9.89 -0.81
C SER B 157 -15.50 -8.43 -1.18
N ASP B 158 -16.63 -8.07 -1.77
CA ASP B 158 -16.90 -6.68 -2.14
C ASP B 158 -17.64 -5.95 -1.02
N VAL B 159 -17.42 -4.65 -0.93
CA VAL B 159 -18.12 -3.84 0.07
C VAL B 159 -18.73 -2.68 -0.69
N LYS B 160 -19.51 -3.01 -1.71
CA LYS B 160 -20.13 -2.00 -2.55
C LYS B 160 -21.52 -1.57 -2.09
N VAL B 161 -22.32 -2.50 -1.59
CA VAL B 161 -23.67 -2.13 -1.19
C VAL B 161 -24.06 -2.35 0.26
N SER B 162 -23.25 -3.08 1.02
CA SER B 162 -23.57 -3.34 2.42
C SER B 162 -22.89 -2.39 3.39
N GLY B 163 -22.20 -1.38 2.86
CA GLY B 163 -21.50 -0.43 3.70
C GLY B 163 -22.45 0.43 4.53
N ALA B 164 -21.91 1.07 5.57
CA ALA B 164 -22.72 1.91 6.45
C ALA B 164 -23.28 3.11 5.68
N GLU B 165 -22.46 3.68 4.80
CA GLU B 165 -22.86 4.83 4.02
C GLU B 165 -24.17 4.59 3.26
N THR B 166 -24.28 3.43 2.63
CA THR B 166 -25.49 3.10 1.87
C THR B 166 -26.72 2.94 2.72
N ILE B 167 -26.71 1.97 3.62
CA ILE B 167 -27.86 1.70 4.47
C ILE B 167 -28.31 2.98 5.16
N LEU B 168 -27.35 3.83 5.52
CA LEU B 168 -27.67 5.09 6.20
C LEU B 168 -28.55 5.96 5.31
N GLY B 169 -28.23 6.00 4.02
CA GLY B 169 -28.99 6.79 3.09
C GLY B 169 -30.34 6.17 2.77
N GLN B 170 -30.59 4.98 3.31
CA GLN B 170 -31.85 4.30 3.04
C GLN B 170 -32.86 4.37 4.19
N ILE B 171 -32.40 4.79 5.37
CA ILE B 171 -33.28 4.90 6.52
C ILE B 171 -34.11 6.17 6.43
N ILE C 9 6.45 39.55 34.23
CA ILE C 9 7.94 39.51 34.39
C ILE C 9 8.38 40.42 35.53
N LEU C 10 9.18 39.85 36.44
CA LEU C 10 9.70 40.57 37.60
C LEU C 10 10.47 39.61 38.52
N SER C 11 11.74 39.38 38.18
CA SER C 11 12.63 38.51 38.94
C SER C 11 12.09 38.07 40.33
N ALA C 12 11.76 36.78 40.52
CA ALA C 12 11.31 36.33 41.84
C ALA C 12 12.53 36.52 42.75
N ALA C 13 12.30 36.75 44.04
CA ALA C 13 13.43 36.97 44.96
C ALA C 13 13.13 36.83 46.46
N SER C 14 12.04 37.44 46.92
CA SER C 14 11.60 37.42 48.32
C SER C 14 10.39 38.35 48.39
N ASN C 15 9.52 38.16 47.40
CA ASN C 15 8.31 38.96 47.18
C ASN C 15 7.03 38.15 47.26
N VAL C 16 5.94 38.72 46.74
CA VAL C 16 4.63 38.08 46.75
C VAL C 16 4.32 37.41 45.41
N SER C 17 4.54 36.10 45.34
CA SER C 17 4.27 35.35 44.11
C SER C 17 2.88 35.66 43.55
N LEU C 18 1.94 35.99 44.43
CA LEU C 18 0.58 36.26 43.98
C LEU C 18 0.42 37.18 42.76
N GLN C 19 0.31 36.50 41.61
CA GLN C 19 0.13 37.04 40.23
C GLN C 19 -1.03 36.19 39.65
N LYS C 20 -2.06 36.83 39.09
CA LYS C 20 -3.24 36.11 38.53
C LYS C 20 -3.10 34.91 37.55
N ALA C 21 -2.02 34.14 37.66
CA ALA C 21 -1.83 32.98 36.79
C ALA C 21 -2.59 31.78 37.40
N ARG C 22 -2.32 30.58 36.87
CA ARG C 22 -2.95 29.35 37.38
C ARG C 22 -2.22 28.13 36.82
N THR C 23 -2.27 27.01 37.54
CA THR C 23 -1.61 25.79 37.10
C THR C 23 -2.58 24.56 36.99
N TRP C 24 -2.12 23.42 36.43
CA TRP C 24 -2.99 22.23 36.20
C TRP C 24 -2.77 20.89 36.97
N ASP C 25 -2.69 19.66 36.37
CA ASP C 25 -2.64 18.45 37.26
C ASP C 25 -2.84 16.90 37.01
N GLU C 26 -4.01 16.72 36.36
CA GLU C 26 -4.98 15.61 36.38
C GLU C 26 -4.48 14.45 35.51
N GLY C 27 -5.43 13.74 34.92
CA GLY C 27 -5.09 12.61 34.09
C GLY C 27 -6.11 12.34 32.99
N VAL C 28 -6.31 13.34 32.14
CA VAL C 28 -7.27 13.32 31.01
C VAL C 28 -8.72 13.12 31.44
N GLU C 29 -9.10 13.89 32.47
CA GLU C 29 -10.42 13.87 33.04
C GLU C 29 -11.13 15.16 32.56
N SER C 30 -12.22 14.95 31.82
CA SER C 30 -13.00 16.03 31.21
C SER C 30 -13.84 16.95 32.10
N LYS C 31 -13.42 18.21 32.14
CA LYS C 31 -14.05 19.34 32.88
C LYS C 31 -13.08 20.50 32.63
N PHE C 32 -11.80 20.14 32.60
CA PHE C 32 -10.68 21.05 32.35
C PHE C 32 -10.47 22.19 33.34
N SER C 33 -10.96 22.00 34.56
CA SER C 33 -10.81 23.02 35.59
C SER C 33 -9.33 23.22 35.87
N THR C 34 -9.00 24.39 36.40
CA THR C 34 -7.62 24.72 36.72
C THR C 34 -7.56 25.41 38.09
N THR C 35 -6.40 25.34 38.75
CA THR C 35 -6.24 25.92 40.08
C THR C 35 -5.63 27.29 40.16
N PRO C 36 -6.41 28.28 40.61
CA PRO C 36 -5.89 29.65 40.74
C PRO C 36 -4.77 29.65 41.76
N VAL C 37 -3.68 30.37 41.48
CA VAL C 37 -2.55 30.40 42.40
C VAL C 37 -2.91 30.75 43.85
N ASN C 38 -3.98 31.50 44.04
CA ASN C 38 -4.38 31.84 45.40
C ASN C 38 -4.71 30.57 46.18
N ASP C 39 -5.59 29.74 45.62
CA ASP C 39 -5.97 28.50 46.28
C ASP C 39 -4.77 27.64 46.65
N ILE C 40 -3.63 27.94 46.04
CA ILE C 40 -2.42 27.16 46.30
C ILE C 40 -1.52 27.74 47.38
N PHE C 41 -1.32 29.06 47.34
CA PHE C 41 -0.44 29.71 48.31
C PHE C 41 -1.08 30.51 49.42
N LYS C 42 -2.30 30.99 49.21
CA LYS C 42 -2.96 31.80 50.23
C LYS C 42 -3.09 31.09 51.56
N ASP C 43 -2.67 31.78 52.62
CA ASP C 43 -2.76 31.26 53.98
C ASP C 43 -2.08 29.89 54.17
N LYS C 44 -1.09 29.57 53.33
CA LYS C 44 -0.41 28.29 53.47
C LYS C 44 1.12 28.37 53.40
N LYS C 45 1.77 27.36 53.96
CA LYS C 45 3.22 27.29 53.91
C LYS C 45 3.49 26.33 52.77
N VAL C 46 4.06 26.82 51.68
CA VAL C 46 4.29 25.95 50.55
C VAL C 46 5.73 25.77 50.14
N VAL C 47 6.09 24.52 49.89
CA VAL C 47 7.42 24.19 49.42
C VAL C 47 7.15 23.79 47.97
N ILE C 48 7.74 24.51 47.03
CA ILE C 48 7.51 24.22 45.63
C ILE C 48 8.80 24.20 44.85
N PHE C 49 8.92 23.22 43.97
CA PHE C 49 10.10 23.13 43.13
C PHE C 49 9.69 22.89 41.67
N GLY C 50 10.38 23.52 40.75
CA GLY C 50 10.08 23.35 39.34
C GLY C 50 11.26 22.75 38.62
N LEU C 51 11.00 22.15 37.47
CA LEU C 51 12.07 21.51 36.72
C LEU C 51 11.81 21.58 35.21
N PRO C 52 12.85 21.39 34.39
CA PRO C 52 12.71 21.46 32.93
C PRO C 52 11.50 20.72 32.39
N GLY C 53 11.20 19.55 32.93
CA GLY C 53 10.04 18.84 32.43
C GLY C 53 10.03 17.34 32.53
N ALA C 54 8.83 16.78 32.44
CA ALA C 54 8.63 15.34 32.53
C ALA C 54 9.53 14.58 31.57
N TYR C 55 10.01 13.43 32.02
CA TYR C 55 10.88 12.56 31.23
C TYR C 55 12.20 13.17 30.75
N THR C 56 12.73 14.15 31.49
CA THR C 56 13.99 14.77 31.09
C THR C 56 15.19 14.45 31.99
N GLY C 57 16.37 14.83 31.51
CA GLY C 57 17.63 14.63 32.19
C GLY C 57 17.65 13.98 33.55
N VAL C 58 18.13 14.71 34.55
CA VAL C 58 18.23 14.21 35.92
C VAL C 58 17.07 14.65 36.82
N CYS C 59 15.91 14.90 36.23
CA CYS C 59 14.74 15.28 37.01
C CYS C 59 14.22 14.05 37.73
N SER C 60 13.73 13.11 36.94
CA SER C 60 13.20 11.85 37.45
C SER C 60 14.36 10.91 37.74
N SER C 61 15.32 11.40 38.52
CA SER C 61 16.49 10.60 38.87
C SER C 61 17.12 11.06 40.18
N LYS C 62 17.29 12.36 40.34
CA LYS C 62 17.90 12.90 41.56
C LYS C 62 17.11 14.05 42.20
N HIS C 63 16.26 14.71 41.41
CA HIS C 63 15.52 15.84 41.94
C HIS C 63 14.24 15.50 42.68
N VAL C 64 13.37 14.73 42.04
CA VAL C 64 12.10 14.39 42.66
C VAL C 64 12.17 13.48 43.90
N PRO C 65 12.80 12.31 43.78
CA PRO C 65 12.91 11.38 44.91
C PRO C 65 13.16 12.00 46.28
N PRO C 66 14.22 12.82 46.42
CA PRO C 66 14.53 13.44 47.72
C PRO C 66 13.33 14.11 48.38
N TYR C 67 12.48 14.75 47.59
CA TYR C 67 11.29 15.41 48.13
C TYR C 67 10.29 14.41 48.65
N LYS C 68 10.11 13.31 47.91
CA LYS C 68 9.18 12.27 48.32
C LYS C 68 9.67 11.64 49.62
N HIS C 69 10.95 11.31 49.63
CA HIS C 69 11.58 10.68 50.78
C HIS C 69 11.57 11.53 52.06
N ASN C 70 11.49 12.85 51.92
CA ASN C 70 11.48 13.73 53.09
C ASN C 70 10.12 14.38 53.28
N ILE C 71 9.10 13.83 52.66
CA ILE C 71 7.77 14.42 52.78
C ILE C 71 7.36 14.57 54.24
N ASP C 72 7.79 13.64 55.09
CA ASP C 72 7.46 13.70 56.51
C ASP C 72 8.18 14.85 57.21
N LYS C 73 9.49 14.95 57.02
CA LYS C 73 10.25 16.02 57.64
C LYS C 73 9.62 17.37 57.32
N PHE C 74 9.11 17.52 56.09
CA PHE C 74 8.49 18.77 55.69
C PHE C 74 7.26 19.05 56.54
N LYS C 75 6.34 18.10 56.56
CA LYS C 75 5.12 18.26 57.32
C LYS C 75 5.43 18.44 58.81
N ALA C 76 6.58 17.93 59.23
CA ALA C 76 6.99 18.06 60.62
C ALA C 76 7.30 19.52 60.89
N LYS C 77 7.73 20.24 59.86
CA LYS C 77 8.07 21.64 60.02
C LYS C 77 6.86 22.52 59.78
N GLY C 78 5.72 21.90 59.51
CA GLY C 78 4.50 22.64 59.30
C GLY C 78 4.17 22.99 57.86
N VAL C 79 4.90 22.40 56.92
CA VAL C 79 4.64 22.67 55.50
C VAL C 79 3.27 22.12 55.10
N ASP C 80 2.42 23.00 54.58
CA ASP C 80 1.07 22.58 54.16
C ASP C 80 1.10 21.68 52.94
N SER C 81 1.87 22.08 51.94
CA SER C 81 1.96 21.28 50.72
C SER C 81 3.33 21.38 50.04
N VAL C 82 3.71 20.26 49.43
CA VAL C 82 4.96 20.16 48.70
C VAL C 82 4.57 19.94 47.26
N ILE C 83 4.87 20.89 46.38
CA ILE C 83 4.48 20.69 45.00
C ILE C 83 5.58 20.81 43.95
N CYS C 84 5.38 20.05 42.89
CA CYS C 84 6.30 20.01 41.76
C CYS C 84 5.55 20.63 40.59
N VAL C 85 6.17 21.61 39.95
CA VAL C 85 5.53 22.27 38.82
C VAL C 85 6.47 22.19 37.63
N ALA C 86 5.89 22.15 36.42
CA ALA C 86 6.68 22.06 35.19
C ALA C 86 5.90 22.51 33.98
N ILE C 87 6.58 23.11 33.03
CA ILE C 87 5.90 23.54 31.81
C ILE C 87 5.69 22.31 30.93
N ASN C 88 4.64 21.58 31.26
CA ASN C 88 4.21 20.37 30.55
C ASN C 88 2.69 20.38 30.68
N ASP C 89 1.99 19.74 29.76
CA ASP C 89 0.54 19.71 29.88
C ASP C 89 0.32 18.83 31.11
N PRO C 90 -0.82 18.99 31.81
CA PRO C 90 -1.10 18.21 33.00
C PRO C 90 -1.21 16.70 32.81
N TYR C 91 -1.43 16.26 31.59
CA TYR C 91 -1.57 14.82 31.31
C TYR C 91 -0.22 14.13 31.26
N THR C 92 0.80 14.85 30.78
CA THR C 92 2.15 14.28 30.71
C THR C 92 2.78 14.35 32.09
N VAL C 93 2.51 15.42 32.82
CA VAL C 93 3.06 15.56 34.15
C VAL C 93 2.57 14.38 34.98
N ASN C 94 1.31 14.02 34.76
CA ASN C 94 0.71 12.92 35.50
C ASN C 94 1.26 11.56 35.08
N ALA C 95 1.37 11.34 33.77
CA ALA C 95 1.90 10.08 33.27
C ALA C 95 3.24 9.89 33.96
N TRP C 96 4.04 10.94 33.92
CA TRP C 96 5.37 10.93 34.51
C TRP C 96 5.34 10.76 36.02
N ALA C 97 4.42 11.45 36.68
CA ALA C 97 4.29 11.36 38.13
C ALA C 97 3.96 9.92 38.54
N GLU C 98 3.11 9.27 37.75
CA GLU C 98 2.72 7.89 38.02
C GLU C 98 3.94 7.00 37.84
N LYS C 99 4.61 7.17 36.69
CA LYS C 99 5.79 6.41 36.33
C LYS C 99 6.82 6.35 37.45
N ILE C 100 7.08 7.50 38.07
CA ILE C 100 8.06 7.55 39.14
C ILE C 100 7.41 7.47 40.52
N GLN C 101 6.21 6.90 40.56
CA GLN C 101 5.46 6.74 41.80
C GLN C 101 5.72 7.89 42.77
N ALA C 102 5.59 9.12 42.28
CA ALA C 102 5.83 10.28 43.11
C ALA C 102 4.54 10.96 43.55
N LYS C 103 3.43 10.57 42.95
CA LYS C 103 2.15 11.18 43.34
C LYS C 103 1.88 10.76 44.77
N ASP C 104 0.72 11.14 45.28
CA ASP C 104 0.30 10.81 46.65
C ASP C 104 1.25 11.32 47.73
N ALA C 105 2.47 11.62 47.34
CA ALA C 105 3.48 12.13 48.26
C ALA C 105 3.67 13.61 47.95
N ILE C 106 3.73 13.92 46.65
CA ILE C 106 3.92 15.27 46.16
C ILE C 106 2.81 15.64 45.18
N GLU C 107 2.27 16.86 45.31
CA GLU C 107 1.22 17.33 44.42
C GLU C 107 1.87 17.86 43.13
N PHE C 108 1.59 17.21 42.01
CA PHE C 108 2.14 17.64 40.73
C PHE C 108 1.22 18.56 39.98
N TYR C 109 1.75 19.67 39.47
CA TYR C 109 0.97 20.63 38.71
C TYR C 109 1.65 20.88 37.38
N GLY C 110 0.87 21.33 36.40
CA GLY C 110 1.42 21.65 35.10
C GLY C 110 1.31 23.16 34.90
N ASP C 111 1.98 23.67 33.87
CA ASP C 111 1.95 25.10 33.54
C ASP C 111 2.16 25.16 32.03
N PHE C 112 1.23 24.56 31.28
CA PHE C 112 1.36 24.51 29.81
C PHE C 112 1.58 25.86 29.17
N ASP C 113 0.98 26.91 29.74
CA ASP C 113 1.12 28.29 29.25
C ASP C 113 2.56 28.74 29.43
N GLY C 114 3.11 28.38 30.58
CA GLY C 114 4.45 28.79 30.93
C GLY C 114 4.22 30.15 31.59
N SER C 115 2.94 30.52 31.67
CA SER C 115 2.55 31.80 32.24
C SER C 115 2.97 31.90 33.70
N PHE C 116 2.86 30.80 34.44
CA PHE C 116 3.23 30.88 35.83
C PHE C 116 4.69 31.30 35.95
N HIS C 117 5.58 30.59 35.25
CA HIS C 117 7.00 30.90 35.32
C HIS C 117 7.36 32.22 34.66
N LYS C 118 6.61 32.58 33.63
CA LYS C 118 6.87 33.82 32.93
C LYS C 118 6.66 35.00 33.88
N SER C 119 5.65 34.90 34.75
CA SER C 119 5.36 35.97 35.69
C SER C 119 6.41 36.09 36.75
N LEU C 120 7.19 35.04 36.94
CA LEU C 120 8.26 35.05 37.94
C LEU C 120 9.63 35.12 37.26
N GLU C 121 9.61 35.17 35.92
CA GLU C 121 10.82 35.23 35.11
C GLU C 121 11.68 34.00 35.34
N LEU C 122 11.03 32.84 35.39
CA LEU C 122 11.76 31.60 35.60
C LEU C 122 11.73 30.69 34.39
N THR C 123 11.67 31.27 33.19
CA THR C 123 11.67 30.49 31.97
C THR C 123 13.05 30.61 31.33
N THR C 124 13.51 29.55 30.69
CA THR C 124 14.80 29.56 30.03
C THR C 124 14.62 28.81 28.71
N ASP C 125 15.40 29.17 27.69
CA ASP C 125 15.25 28.51 26.40
C ASP C 125 16.07 27.23 26.30
N LEU C 126 15.38 26.09 26.23
CA LEU C 126 16.03 24.80 26.13
C LEU C 126 15.79 24.15 24.79
N SER C 127 15.78 24.96 23.74
CA SER C 127 15.57 24.46 22.40
C SER C 127 16.73 23.62 21.91
N ALA C 128 17.92 23.85 22.46
CA ALA C 128 19.08 23.08 22.06
C ALA C 128 18.88 21.64 22.51
N GLY C 129 18.22 21.48 23.65
CA GLY C 129 17.96 20.15 24.18
C GLY C 129 16.69 19.53 23.61
N LEU C 130 16.06 20.22 22.67
CA LEU C 130 14.84 19.74 22.01
C LEU C 130 13.56 19.87 22.86
N LEU C 131 13.62 20.69 23.91
CA LEU C 131 12.46 20.97 24.74
C LEU C 131 12.24 22.42 24.39
N GLY C 132 11.00 22.89 24.36
CA GLY C 132 10.83 24.28 24.00
C GLY C 132 11.31 25.22 25.09
N ILE C 133 10.61 26.33 25.26
CA ILE C 133 10.92 27.29 26.29
C ILE C 133 10.41 26.61 27.55
N ARG C 134 11.27 26.38 28.52
CA ARG C 134 10.86 25.71 29.76
C ARG C 134 11.21 26.52 30.99
N SER C 135 10.96 25.96 32.16
CA SER C 135 11.28 26.64 33.40
C SER C 135 12.68 26.23 33.82
N GLU C 136 13.29 27.03 34.69
CA GLU C 136 14.61 26.69 35.19
C GLU C 136 14.37 25.70 36.32
N ARG C 137 15.44 25.15 36.87
CA ARG C 137 15.27 24.21 37.96
C ARG C 137 15.39 25.06 39.21
N TRP C 138 14.28 25.13 39.95
CA TRP C 138 14.23 25.93 41.17
C TRP C 138 13.39 25.27 42.25
N SER C 139 13.45 25.85 43.44
CA SER C 139 12.69 25.38 44.60
C SER C 139 12.51 26.62 45.41
N ALA C 140 11.44 26.68 46.19
CA ALA C 140 11.20 27.84 47.02
C ALA C 140 10.21 27.53 48.14
N TYR C 141 10.37 28.26 49.24
CA TYR C 141 9.48 28.09 50.37
C TYR C 141 8.67 29.37 50.39
N VAL C 142 7.35 29.24 50.23
CA VAL C 142 6.47 30.38 50.19
C VAL C 142 5.40 30.37 51.29
N VAL C 143 5.37 31.43 52.09
CA VAL C 143 4.43 31.54 53.18
C VAL C 143 3.38 32.58 52.84
N ASP C 144 2.13 32.14 52.78
CA ASP C 144 1.03 33.03 52.45
C ASP C 144 1.38 33.87 51.22
N GLY C 145 1.93 33.21 50.21
CA GLY C 145 2.29 33.92 49.00
C GLY C 145 3.61 34.66 48.98
N LYS C 146 4.28 34.78 50.13
CA LYS C 146 5.55 35.49 50.15
C LYS C 146 6.74 34.54 50.10
N VAL C 147 7.68 34.83 49.23
CA VAL C 147 8.86 33.98 49.08
C VAL C 147 9.89 34.21 50.19
N LYS C 148 9.97 33.28 51.11
CA LYS C 148 10.91 33.37 52.23
C LYS C 148 12.26 32.80 51.82
N ALA C 149 12.27 31.87 50.89
CA ALA C 149 13.50 31.27 50.41
C ALA C 149 13.37 30.89 48.94
N LEU C 150 14.40 31.23 48.16
CA LEU C 150 14.41 30.95 46.74
C LEU C 150 15.73 30.34 46.30
N ASN C 151 15.66 29.28 45.48
CA ASN C 151 16.86 28.62 45.00
C ASN C 151 16.71 28.36 43.51
N VAL C 152 17.60 28.93 42.71
CA VAL C 152 17.55 28.74 41.27
C VAL C 152 18.89 28.19 40.80
N GLU C 153 18.89 26.98 40.25
CA GLU C 153 20.12 26.37 39.76
C GLU C 153 20.78 27.30 38.74
N GLU C 154 22.10 27.28 38.68
CA GLU C 154 22.80 28.14 37.71
C GLU C 154 22.60 27.55 36.32
N SER C 155 22.51 26.23 36.27
CA SER C 155 22.31 25.50 35.03
C SER C 155 21.17 24.53 35.28
N PRO C 156 20.12 24.57 34.44
CA PRO C 156 18.98 23.67 34.62
C PRO C 156 19.31 22.19 34.82
N SER C 157 20.48 21.75 34.37
CA SER C 157 20.83 20.34 34.52
C SER C 157 21.49 20.01 35.86
N ASP C 158 21.78 21.03 36.66
CA ASP C 158 22.38 20.83 37.98
C ASP C 158 21.31 20.73 39.07
N VAL C 159 21.59 19.96 40.11
CA VAL C 159 20.67 19.82 41.22
C VAL C 159 21.48 20.12 42.46
N LYS C 160 22.11 21.29 42.46
CA LYS C 160 22.95 21.71 43.58
C LYS C 160 22.23 22.51 44.64
N VAL C 161 21.30 23.38 44.25
CA VAL C 161 20.62 24.20 45.26
C VAL C 161 19.09 24.06 45.36
N SER C 162 18.46 23.40 44.41
CA SER C 162 17.01 23.24 44.45
C SER C 162 16.55 21.92 45.03
N GLY C 163 17.50 21.13 45.54
CA GLY C 163 17.16 19.83 46.12
C GLY C 163 16.35 19.95 47.39
N ALA C 164 15.69 18.85 47.76
CA ALA C 164 14.85 18.82 48.97
C ALA C 164 15.69 19.10 50.21
N GLU C 165 16.88 18.49 50.26
CA GLU C 165 17.77 18.65 51.40
C GLU C 165 18.00 20.13 51.72
N THR C 166 18.30 20.94 50.70
CA THR C 166 18.54 22.35 50.94
C THR C 166 17.35 23.14 51.46
N ILE C 167 16.28 23.20 50.67
CA ILE C 167 15.09 23.93 51.06
C ILE C 167 14.65 23.51 52.46
N LEU C 168 14.81 22.23 52.77
CA LEU C 168 14.41 21.72 54.07
C LEU C 168 15.19 22.44 55.18
N GLY C 169 16.49 22.62 54.95
CA GLY C 169 17.31 23.29 55.94
C GLY C 169 17.04 24.78 56.02
N GLN C 170 16.17 25.30 55.14
CA GLN C 170 15.87 26.72 55.14
C GLN C 170 14.52 27.07 55.77
N ILE C 171 13.70 26.06 56.01
CA ILE C 171 12.38 26.32 56.61
C ILE C 171 12.51 26.52 58.11
N ILE D 9 9.75 -12.83 -23.36
CA ILE D 9 9.33 -12.95 -21.94
C ILE D 9 7.96 -13.70 -21.83
N LEU D 10 8.02 -15.01 -22.09
CA LEU D 10 6.87 -15.95 -22.06
C LEU D 10 6.28 -16.24 -23.48
N SER D 11 6.80 -17.28 -24.13
CA SER D 11 6.37 -17.67 -25.49
C SER D 11 4.86 -17.92 -25.66
N ALA D 12 4.22 -17.21 -26.60
CA ALA D 12 2.77 -17.35 -26.81
C ALA D 12 2.44 -18.80 -27.15
N ALA D 13 1.24 -19.26 -26.79
CA ALA D 13 0.87 -20.65 -27.07
C ALA D 13 -0.62 -21.00 -26.99
N SER D 14 -1.28 -20.56 -25.93
CA SER D 14 -2.71 -20.82 -25.66
C SER D 14 -2.99 -20.26 -24.26
N ASN D 15 -2.45 -19.06 -24.05
CA ASN D 15 -2.50 -18.33 -22.78
C ASN D 15 -3.22 -17.00 -22.87
N VAL D 16 -3.01 -16.14 -21.87
CA VAL D 16 -3.64 -14.83 -21.82
C VAL D 16 -2.71 -13.72 -22.33
N SER D 17 -2.90 -13.33 -23.60
CA SER D 17 -2.06 -12.28 -24.17
C SER D 17 -1.99 -11.06 -23.25
N LEU D 18 -3.05 -10.82 -22.48
CA LEU D 18 -3.07 -9.65 -21.61
C LEU D 18 -1.80 -9.37 -20.78
N GLN D 19 -0.96 -8.49 -21.38
CA GLN D 19 0.33 -7.96 -20.88
C GLN D 19 0.24 -6.44 -21.11
N LYS D 20 0.52 -5.62 -20.08
CA LYS D 20 0.42 -4.15 -20.17
C LYS D 20 1.06 -3.35 -21.34
N ALA D 21 1.17 -3.94 -22.52
CA ALA D 21 1.74 -3.23 -23.66
C ALA D 21 0.64 -2.38 -24.33
N ARG D 22 0.92 -1.88 -25.54
CA ARG D 22 -0.05 -1.10 -26.29
C ARG D 22 0.42 -0.94 -27.75
N THR D 23 -0.51 -0.73 -28.68
CA THR D 23 -0.17 -0.58 -30.09
C THR D 23 -0.71 0.74 -30.71
N TRP D 24 -0.32 1.10 -31.96
CA TRP D 24 -0.73 2.37 -32.61
C TRP D 24 -1.67 2.40 -33.86
N ASP D 25 -1.39 3.09 -35.00
CA ASP D 25 -2.47 3.16 -36.05
C ASP D 25 -2.75 4.00 -37.34
N GLU D 26 -2.47 5.25 -37.09
CA GLU D 26 -3.26 6.38 -37.53
C GLU D 26 -2.57 6.91 -38.76
N GLY D 27 -2.54 8.26 -38.91
CA GLY D 27 -1.91 8.91 -40.07
C GLY D 27 -1.40 10.33 -39.88
N VAL D 28 -0.43 10.48 -38.96
CA VAL D 28 0.25 11.73 -38.59
C VAL D 28 -0.69 12.80 -38.05
N GLU D 29 -1.57 12.34 -37.16
CA GLU D 29 -2.58 13.17 -36.52
C GLU D 29 -2.11 13.42 -35.09
N SER D 30 -1.87 14.70 -34.79
CA SER D 30 -1.37 15.15 -33.49
C SER D 30 -2.24 15.06 -32.24
N LYS D 31 -1.82 14.19 -31.32
CA LYS D 31 -2.44 13.89 -30.01
C LYS D 31 -1.59 12.74 -29.45
N PHE D 32 -1.17 11.88 -30.37
CA PHE D 32 -0.34 10.70 -30.11
C PHE D 32 -0.88 9.64 -29.15
N SER D 33 -2.21 9.56 -29.00
CA SER D 33 -2.83 8.57 -28.11
C SER D 33 -2.64 7.12 -28.59
N THR D 34 -2.41 6.21 -27.64
CA THR D 34 -2.22 4.79 -27.96
C THR D 34 -3.31 3.87 -27.35
N THR D 35 -3.37 2.63 -27.81
CA THR D 35 -4.39 1.66 -27.37
C THR D 35 -3.91 0.51 -26.49
N PRO D 36 -4.35 0.48 -25.22
CA PRO D 36 -3.96 -0.59 -24.28
C PRO D 36 -4.50 -1.93 -24.78
N VAL D 37 -3.67 -2.97 -24.72
CA VAL D 37 -4.10 -4.28 -25.21
C VAL D 37 -5.43 -4.76 -24.63
N ASN D 38 -5.79 -4.31 -23.43
CA ASN D 38 -7.06 -4.72 -22.86
C ASN D 38 -8.22 -4.25 -23.73
N ASP D 39 -8.22 -2.97 -24.06
CA ASP D 39 -9.28 -2.40 -24.90
C ASP D 39 -9.43 -3.15 -26.22
N ILE D 40 -8.41 -3.91 -26.58
CA ILE D 40 -8.42 -4.66 -27.82
C ILE D 40 -8.94 -6.09 -27.69
N PHE D 41 -8.49 -6.80 -26.66
CA PHE D 41 -8.89 -8.18 -26.48
C PHE D 41 -9.92 -8.50 -25.40
N LYS D 42 -10.01 -7.65 -24.39
CA LYS D 42 -10.93 -7.91 -23.31
C LYS D 42 -12.38 -8.07 -23.78
N ASP D 43 -13.00 -9.15 -23.34
CA ASP D 43 -14.39 -9.46 -23.66
C ASP D 43 -14.71 -9.51 -25.15
N LYS D 44 -13.70 -9.77 -25.98
CA LYS D 44 -13.93 -9.83 -27.43
C LYS D 44 -13.31 -11.05 -28.11
N LYS D 45 -13.84 -11.39 -29.28
CA LYS D 45 -13.31 -12.48 -30.07
C LYS D 45 -12.45 -11.79 -31.10
N VAL D 46 -11.14 -11.96 -31.02
CA VAL D 46 -10.27 -11.28 -31.95
C VAL D 46 -9.46 -12.18 -32.85
N VAL D 47 -9.42 -11.83 -34.14
CA VAL D 47 -8.62 -12.55 -35.11
C VAL D 47 -7.52 -11.54 -35.42
N ILE D 48 -6.28 -11.93 -35.15
CA ILE D 48 -5.17 -11.02 -35.37
C ILE D 48 -4.01 -11.70 -36.08
N PHE D 49 -3.43 -11.00 -37.05
CA PHE D 49 -2.29 -11.53 -37.75
C PHE D 49 -1.19 -10.48 -37.82
N GLY D 50 0.04 -10.92 -37.68
CA GLY D 50 1.16 -10.01 -37.75
C GLY D 50 2.06 -10.36 -38.93
N LEU D 51 2.85 -9.41 -39.38
CA LEU D 51 3.74 -9.66 -40.50
C LEU D 51 5.03 -8.84 -40.40
N PRO D 52 6.08 -9.25 -41.10
CA PRO D 52 7.36 -8.53 -41.06
C PRO D 52 7.25 -7.02 -41.15
N GLY D 53 6.35 -6.52 -42.00
CA GLY D 53 6.23 -5.07 -42.06
C GLY D 53 5.73 -4.46 -43.35
N ALA D 54 5.25 -3.23 -43.24
CA ALA D 54 4.72 -2.49 -44.38
C ALA D 54 5.70 -2.47 -45.53
N TYR D 55 5.17 -2.55 -46.75
CA TYR D 55 5.95 -2.53 -47.99
C TYR D 55 6.99 -3.66 -48.16
N THR D 56 6.77 -4.80 -47.50
CA THR D 56 7.72 -5.90 -47.63
C THR D 56 7.22 -7.09 -48.43
N GLY D 57 8.18 -7.99 -48.72
CA GLY D 57 7.94 -9.22 -49.48
C GLY D 57 6.55 -9.53 -49.99
N VAL D 58 6.02 -10.65 -49.53
CA VAL D 58 4.68 -11.10 -49.93
C VAL D 58 3.58 -10.74 -48.93
N CYS D 59 3.78 -9.68 -48.16
CA CYS D 59 2.78 -9.25 -47.18
C CYS D 59 1.64 -8.60 -47.96
N SER D 60 1.94 -7.47 -48.59
CA SER D 60 0.96 -6.74 -49.38
C SER D 60 0.84 -7.37 -50.75
N SER D 61 0.62 -8.68 -50.77
CA SER D 61 0.48 -9.42 -52.02
C SER D 61 -0.38 -10.67 -51.85
N LYS D 62 -0.11 -11.45 -50.80
CA LYS D 62 -0.86 -12.67 -50.56
C LYS D 62 -1.40 -12.82 -49.15
N HIS D 63 -0.82 -12.09 -48.21
CA HIS D 63 -1.26 -12.20 -46.83
C HIS D 63 -2.46 -11.35 -46.46
N VAL D 64 -2.37 -10.05 -46.69
CA VAL D 64 -3.47 -9.16 -46.32
C VAL D 64 -4.79 -9.34 -47.06
N PRO D 65 -4.77 -9.30 -48.40
CA PRO D 65 -6.00 -9.46 -49.19
C PRO D 65 -6.99 -10.53 -48.69
N PRO D 66 -6.54 -11.79 -48.52
CA PRO D 66 -7.44 -12.85 -48.05
C PRO D 66 -8.27 -12.48 -46.84
N TYR D 67 -7.68 -11.72 -45.91
CA TYR D 67 -8.41 -11.31 -44.71
C TYR D 67 -9.48 -10.28 -45.04
N LYS D 68 -9.15 -9.36 -45.95
CA LYS D 68 -10.11 -8.34 -46.37
C LYS D 68 -11.29 -9.02 -47.08
N HIS D 69 -10.95 -9.92 -48.00
CA HIS D 69 -11.94 -10.64 -48.79
C HIS D 69 -12.86 -11.54 -47.98
N ASN D 70 -12.44 -11.97 -46.80
CA ASN D 70 -13.26 -12.84 -45.97
C ASN D 70 -13.74 -12.13 -44.72
N ILE D 71 -13.66 -10.80 -44.72
CA ILE D 71 -14.08 -10.05 -43.54
C ILE D 71 -15.49 -10.43 -43.12
N ASP D 72 -16.36 -10.73 -44.09
CA ASP D 72 -17.73 -11.10 -43.79
C ASP D 72 -17.82 -12.46 -43.11
N LYS D 73 -17.15 -13.45 -43.69
CA LYS D 73 -17.19 -14.78 -43.11
C LYS D 73 -16.76 -14.74 -41.65
N PHE D 74 -15.80 -13.87 -41.34
CA PHE D 74 -15.31 -13.74 -39.97
C PHE D 74 -16.43 -13.24 -39.04
N LYS D 75 -17.02 -12.11 -39.41
CA LYS D 75 -18.10 -11.54 -38.62
C LYS D 75 -19.27 -12.51 -38.51
N ALA D 76 -19.41 -13.37 -39.52
CA ALA D 76 -20.49 -14.35 -39.52
C ALA D 76 -20.23 -15.35 -38.39
N LYS D 77 -18.95 -15.55 -38.07
CA LYS D 77 -18.62 -16.49 -37.01
C LYS D 77 -18.60 -15.79 -35.65
N GLY D 78 -18.92 -14.50 -35.66
CA GLY D 78 -18.96 -13.75 -34.41
C GLY D 78 -17.69 -13.02 -34.04
N VAL D 79 -16.74 -12.96 -34.96
CA VAL D 79 -15.48 -12.28 -34.69
C VAL D 79 -15.72 -10.79 -34.50
N ASP D 80 -15.31 -10.26 -33.35
CA ASP D 80 -15.49 -8.84 -33.04
C ASP D 80 -14.60 -7.95 -33.90
N SER D 81 -13.33 -8.30 -34.02
CA SER D 81 -12.43 -7.51 -34.83
C SER D 81 -11.31 -8.32 -35.47
N VAL D 82 -10.93 -7.90 -36.66
CA VAL D 82 -9.87 -8.54 -37.43
C VAL D 82 -8.76 -7.52 -37.51
N ILE D 83 -7.61 -7.80 -36.89
CA ILE D 83 -6.55 -6.82 -36.94
C ILE D 83 -5.21 -7.29 -37.44
N CYS D 84 -4.51 -6.35 -38.07
CA CYS D 84 -3.20 -6.58 -38.61
C CYS D 84 -2.22 -5.76 -37.77
N VAL D 85 -1.19 -6.41 -37.26
CA VAL D 85 -0.21 -5.70 -36.47
C VAL D 85 1.17 -5.89 -37.07
N ALA D 86 2.04 -4.90 -36.90
CA ALA D 86 3.39 -4.97 -37.44
C ALA D 86 4.34 -4.00 -36.73
N ILE D 87 5.59 -4.40 -36.59
CA ILE D 87 6.56 -3.53 -35.96
C ILE D 87 6.97 -2.45 -36.97
N ASN D 88 6.12 -1.44 -37.05
CA ASN D 88 6.29 -0.30 -37.94
C ASN D 88 5.66 0.85 -37.17
N ASP D 89 6.08 2.08 -37.43
CA ASP D 89 5.46 3.20 -36.73
C ASP D 89 4.05 3.23 -37.29
N PRO D 90 3.10 3.76 -36.54
CA PRO D 90 1.71 3.82 -37.01
C PRO D 90 1.46 4.63 -38.29
N TYR D 91 2.36 5.54 -38.61
CA TYR D 91 2.18 6.37 -39.80
C TYR D 91 2.52 5.61 -41.07
N THR D 92 3.48 4.70 -41.00
CA THR D 92 3.87 3.91 -42.15
C THR D 92 2.86 2.78 -42.34
N VAL D 93 2.38 2.23 -41.23
CA VAL D 93 1.40 1.15 -41.31
C VAL D 93 0.18 1.69 -42.03
N ASN D 94 -0.16 2.94 -41.75
CA ASN D 94 -1.32 3.58 -42.36
C ASN D 94 -1.09 3.90 -43.83
N ALA D 95 0.05 4.49 -44.14
CA ALA D 95 0.36 4.81 -45.52
C ALA D 95 0.16 3.54 -46.31
N TRP D 96 0.74 2.46 -45.80
CA TRP D 96 0.67 1.15 -46.43
C TRP D 96 -0.76 0.62 -46.48
N ALA D 97 -1.49 0.78 -45.38
CA ALA D 97 -2.85 0.30 -45.33
C ALA D 97 -3.70 1.00 -46.37
N GLU D 98 -3.45 2.30 -46.55
CA GLU D 98 -4.19 3.07 -47.54
C GLU D 98 -3.83 2.57 -48.93
N LYS D 99 -2.53 2.43 -49.18
CA LYS D 99 -2.00 1.98 -50.46
C LYS D 99 -2.68 0.70 -50.95
N ILE D 100 -2.84 -0.27 -50.07
CA ILE D 100 -3.45 -1.53 -50.45
C ILE D 100 -4.94 -1.55 -50.11
N GLN D 101 -5.53 -0.37 -50.01
CA GLN D 101 -6.95 -0.24 -49.68
C GLN D 101 -7.45 -1.35 -48.76
N ALA D 102 -6.72 -1.58 -47.67
CA ALA D 102 -7.09 -2.62 -46.72
C ALA D 102 -7.74 -2.06 -45.46
N LYS D 103 -7.70 -0.75 -45.28
CA LYS D 103 -8.32 -0.16 -44.10
C LYS D 103 -9.82 -0.38 -44.24
N ASP D 104 -10.59 0.16 -43.31
CA ASP D 104 -12.05 0.06 -43.29
C ASP D 104 -12.57 -1.37 -43.27
N ALA D 105 -11.71 -2.32 -43.64
CA ALA D 105 -12.06 -3.73 -43.65
C ALA D 105 -11.33 -4.40 -42.48
N ILE D 106 -10.08 -4.01 -42.32
CA ILE D 106 -9.22 -4.54 -41.27
C ILE D 106 -8.64 -3.39 -40.45
N GLU D 107 -8.60 -3.56 -39.13
CA GLU D 107 -8.03 -2.54 -38.25
C GLU D 107 -6.50 -2.72 -38.18
N PHE D 108 -5.75 -1.72 -38.66
CA PHE D 108 -4.31 -1.82 -38.66
C PHE D 108 -3.68 -1.15 -37.45
N TYR D 109 -2.77 -1.86 -36.79
CA TYR D 109 -2.10 -1.32 -35.61
C TYR D 109 -0.60 -1.40 -35.80
N GLY D 110 0.13 -0.52 -35.11
CA GLY D 110 1.57 -0.53 -35.16
C GLY D 110 2.12 -1.00 -33.82
N ASP D 111 3.40 -1.33 -33.77
CA ASP D 111 4.07 -1.79 -32.54
C ASP D 111 5.51 -1.35 -32.68
N PHE D 112 5.72 -0.02 -32.77
CA PHE D 112 7.06 0.52 -32.96
C PHE D 112 8.07 0.05 -31.93
N ASP D 113 7.62 -0.19 -30.70
CA ASP D 113 8.46 -0.68 -29.62
C ASP D 113 8.92 -2.09 -29.94
N GLY D 114 7.98 -2.86 -30.45
CA GLY D 114 8.24 -4.25 -30.74
C GLY D 114 7.91 -4.92 -29.42
N SER D 115 7.51 -4.10 -28.45
CA SER D 115 7.18 -4.59 -27.13
C SER D 115 6.02 -5.58 -27.13
N PHE D 116 5.04 -5.36 -28.00
CA PHE D 116 3.93 -6.28 -28.04
C PHE D 116 4.44 -7.66 -28.41
N HIS D 117 5.18 -7.76 -29.51
CA HIS D 117 5.70 -9.06 -29.95
C HIS D 117 6.76 -9.63 -29.02
N LYS D 118 7.54 -8.75 -28.39
CA LYS D 118 8.57 -9.19 -27.49
C LYS D 118 7.95 -9.92 -26.30
N SER D 119 6.79 -9.46 -25.86
CA SER D 119 6.12 -10.08 -24.72
C SER D 119 5.54 -11.44 -25.08
N LEU D 120 5.39 -11.68 -26.37
CA LEU D 120 4.84 -12.96 -26.82
C LEU D 120 5.95 -13.78 -27.48
N GLU D 121 7.16 -13.22 -27.51
CA GLU D 121 8.33 -13.86 -28.11
C GLU D 121 8.09 -14.14 -29.58
N LEU D 122 7.53 -13.16 -30.27
CA LEU D 122 7.26 -13.28 -31.68
C LEU D 122 8.11 -12.33 -32.51
N THR D 123 9.34 -12.07 -32.06
CA THR D 123 10.23 -11.20 -32.82
C THR D 123 11.31 -12.08 -33.42
N THR D 124 11.78 -11.72 -34.61
CA THR D 124 12.82 -12.46 -35.30
C THR D 124 13.75 -11.42 -35.95
N ASP D 125 15.03 -11.74 -36.07
CA ASP D 125 15.97 -10.80 -36.65
C ASP D 125 16.00 -10.85 -38.18
N LEU D 126 15.54 -9.78 -38.82
CA LEU D 126 15.52 -9.72 -40.27
C LEU D 126 16.48 -8.67 -40.79
N SER D 127 17.64 -8.57 -40.14
CA SER D 127 18.65 -7.61 -40.55
C SER D 127 19.26 -7.97 -41.89
N ALA D 128 19.22 -9.25 -42.24
CA ALA D 128 19.77 -9.68 -43.52
C ALA D 128 18.92 -9.09 -44.64
N GLY D 129 17.62 -8.96 -44.38
CA GLY D 129 16.72 -8.41 -45.38
C GLY D 129 16.63 -6.90 -45.32
N LEU D 130 17.46 -6.29 -44.47
CA LEU D 130 17.49 -4.83 -44.32
C LEU D 130 16.34 -4.23 -43.50
N LEU D 131 15.62 -5.08 -42.77
CA LEU D 131 14.54 -4.63 -41.89
C LEU D 131 15.15 -4.92 -40.53
N GLY D 132 14.87 -4.12 -39.53
CA GLY D 132 15.47 -4.43 -38.24
C GLY D 132 14.91 -5.70 -37.61
N ILE D 133 14.81 -5.67 -36.29
CA ILE D 133 14.24 -6.78 -35.56
C ILE D 133 12.75 -6.61 -35.81
N ARG D 134 12.11 -7.62 -36.38
CA ARG D 134 10.69 -7.50 -36.67
C ARG D 134 9.92 -8.68 -36.10
N SER D 135 8.62 -8.73 -36.38
CA SER D 135 7.80 -9.83 -35.88
C SER D 135 7.79 -10.94 -36.91
N GLU D 136 7.41 -12.14 -36.47
CA GLU D 136 7.32 -13.26 -37.38
C GLU D 136 5.98 -13.11 -38.05
N ARG D 137 5.71 -13.97 -39.03
CA ARG D 137 4.42 -13.91 -39.69
C ARG D 137 3.55 -14.89 -38.94
N TRP D 138 2.51 -14.36 -38.29
CA TRP D 138 1.62 -15.20 -37.49
C TRP D 138 0.19 -14.70 -37.58
N SER D 139 -0.73 -15.51 -37.07
CA SER D 139 -2.14 -15.20 -37.03
C SER D 139 -2.64 -15.93 -35.80
N ALA D 140 -3.69 -15.42 -35.16
CA ALA D 140 -4.20 -16.08 -33.98
C ALA D 140 -5.63 -15.66 -33.69
N TYR D 141 -6.38 -16.56 -33.09
CA TYR D 141 -7.75 -16.27 -32.72
C TYR D 141 -7.70 -16.18 -31.21
N VAL D 142 -8.06 -15.01 -30.67
CA VAL D 142 -8.02 -14.79 -29.23
C VAL D 142 -9.38 -14.42 -28.67
N VAL D 143 -9.84 -15.20 -27.70
CA VAL D 143 -11.13 -14.96 -27.05
C VAL D 143 -10.94 -14.43 -25.64
N ASP D 144 -11.39 -13.20 -25.41
CA ASP D 144 -11.25 -12.55 -24.11
C ASP D 144 -9.81 -12.67 -23.63
N GLY D 145 -8.88 -12.41 -24.54
CA GLY D 145 -7.47 -12.46 -24.19
C GLY D 145 -6.81 -13.83 -24.20
N LYS D 146 -7.58 -14.89 -24.36
CA LYS D 146 -6.98 -16.24 -24.37
C LYS D 146 -6.79 -16.74 -25.79
N VAL D 147 -5.60 -17.25 -26.06
CA VAL D 147 -5.26 -17.76 -27.39
C VAL D 147 -5.85 -19.14 -27.64
N LYS D 148 -6.90 -19.19 -28.45
CA LYS D 148 -7.56 -20.46 -28.76
C LYS D 148 -6.87 -21.14 -29.95
N ALA D 149 -6.25 -20.33 -30.81
CA ALA D 149 -5.56 -20.86 -31.97
C ALA D 149 -4.38 -19.97 -32.34
N LEU D 150 -3.24 -20.59 -32.59
CA LEU D 150 -2.03 -19.86 -32.92
C LEU D 150 -1.33 -20.47 -34.14
N ASN D 151 -0.90 -19.61 -35.06
CA ASN D 151 -0.23 -20.06 -36.26
C ASN D 151 1.00 -19.20 -36.49
N VAL D 152 2.17 -19.81 -36.48
CA VAL D 152 3.40 -19.08 -36.71
C VAL D 152 4.13 -19.70 -37.89
N GLU D 153 4.33 -18.94 -38.96
CA GLU D 153 5.03 -19.45 -40.14
C GLU D 153 6.42 -19.94 -39.73
N GLU D 154 6.94 -20.96 -40.40
CA GLU D 154 8.27 -21.47 -40.08
C GLU D 154 9.30 -20.48 -40.59
N SER D 155 8.98 -19.81 -41.68
CA SER D 155 9.85 -18.80 -42.27
C SER D 155 8.96 -17.59 -42.53
N PRO D 156 9.37 -16.41 -42.01
CA PRO D 156 8.58 -15.19 -42.21
C PRO D 156 8.13 -14.90 -43.64
N SER D 157 8.82 -15.44 -44.63
CA SER D 157 8.44 -15.18 -46.02
C SER D 157 7.36 -16.13 -46.55
N ASP D 158 7.00 -17.14 -45.77
CA ASP D 158 5.97 -18.10 -46.17
C ASP D 158 4.60 -17.67 -45.67
N VAL D 159 3.56 -18.02 -46.41
CA VAL D 159 2.20 -17.71 -45.99
C VAL D 159 1.44 -19.01 -46.06
N LYS D 160 1.98 -20.02 -45.37
CA LYS D 160 1.37 -21.34 -45.37
C LYS D 160 0.36 -21.58 -44.25
N VAL D 161 0.60 -21.02 -43.06
CA VAL D 161 -0.31 -21.25 -41.95
C VAL D 161 -0.97 -20.05 -41.31
N SER D 162 -0.50 -18.85 -41.62
CA SER D 162 -1.08 -17.65 -41.02
C SER D 162 -2.10 -16.97 -41.90
N GLY D 163 -2.45 -17.59 -43.02
CA GLY D 163 -3.42 -17.00 -43.92
C GLY D 163 -4.82 -16.94 -43.34
N ALA D 164 -5.67 -16.11 -43.94
CA ALA D 164 -7.06 -15.96 -43.48
C ALA D 164 -7.82 -17.28 -43.60
N GLU D 165 -7.60 -17.99 -44.69
CA GLU D 165 -8.28 -19.25 -44.94
C GLU D 165 -8.11 -20.23 -43.78
N THR D 166 -6.89 -20.35 -43.27
CA THR D 166 -6.65 -21.27 -42.15
C THR D 166 -7.32 -20.87 -40.86
N ILE D 167 -6.98 -19.71 -40.33
CA ILE D 167 -7.54 -19.23 -39.07
C ILE D 167 -9.07 -19.30 -39.12
N LEU D 168 -9.63 -19.02 -40.29
CA LEU D 168 -11.07 -19.03 -40.45
C LEU D 168 -11.61 -20.43 -40.17
N GLY D 169 -10.92 -21.44 -40.67
CA GLY D 169 -11.36 -22.80 -40.44
C GLY D 169 -11.14 -23.27 -39.02
N GLN D 170 -10.51 -22.43 -38.20
CA GLN D 170 -10.22 -22.79 -36.81
C GLN D 170 -11.15 -22.15 -35.78
N ILE D 171 -11.91 -21.15 -36.21
CA ILE D 171 -12.84 -20.48 -35.32
C ILE D 171 -14.10 -21.32 -35.13
N ILE E 9 29.02 8.56 -30.63
CA ILE E 9 30.45 8.21 -30.92
C ILE E 9 31.11 9.17 -31.93
N LEU E 10 31.33 10.41 -31.48
CA LEU E 10 31.97 11.51 -32.23
C LEU E 10 30.99 12.43 -32.99
N SER E 11 30.35 13.36 -32.25
CA SER E 11 29.40 14.30 -32.85
C SER E 11 29.96 15.02 -34.09
N ALA E 12 29.16 15.10 -35.14
CA ALA E 12 29.57 15.71 -36.41
C ALA E 12 29.77 17.21 -36.24
N ALA E 13 30.62 17.82 -37.06
CA ALA E 13 30.88 19.26 -36.96
C ALA E 13 31.57 19.93 -38.15
N SER E 14 32.66 19.32 -38.62
CA SER E 14 33.46 19.83 -39.74
C SER E 14 34.66 18.88 -39.86
N ASN E 15 34.34 17.59 -39.78
CA ASN E 15 35.28 16.49 -39.81
C ASN E 15 35.08 15.54 -40.98
N VAL E 16 35.66 14.35 -40.87
CA VAL E 16 35.58 13.31 -41.92
C VAL E 16 34.50 12.28 -41.62
N SER E 17 33.31 12.45 -42.21
CA SER E 17 32.22 11.51 -42.00
C SER E 17 32.68 10.06 -42.17
N LEU E 18 33.67 9.84 -43.02
CA LEU E 18 34.14 8.49 -43.27
C LEU E 18 34.36 7.59 -42.04
N GLN E 19 33.29 6.83 -41.75
CA GLN E 19 33.13 5.81 -40.67
C GLN E 19 32.54 4.58 -41.36
N LYS E 20 33.14 3.39 -41.18
CA LYS E 20 32.70 2.13 -41.84
C LYS E 20 31.21 1.68 -41.83
N ALA E 21 30.27 2.62 -41.79
CA ALA E 21 28.85 2.26 -41.82
C ALA E 21 28.41 2.08 -43.28
N ARG E 22 27.09 2.02 -43.51
CA ARG E 22 26.53 1.88 -44.86
C ARG E 22 25.03 2.14 -44.83
N THR E 23 24.47 2.56 -45.95
CA THR E 23 23.04 2.86 -46.03
C THR E 23 22.31 2.06 -47.15
N TRP E 24 20.96 2.13 -47.24
CA TRP E 24 20.17 1.33 -48.22
C TRP E 24 19.37 2.01 -49.37
N ASP E 25 18.05 1.75 -49.64
CA ASP E 25 17.45 2.33 -50.90
C ASP E 25 16.15 2.08 -51.76
N GLU E 26 16.02 0.77 -51.95
CA GLU E 26 15.56 0.06 -53.18
C GLU E 26 14.03 -0.07 -53.06
N GLY E 27 13.49 -1.18 -53.54
CA GLY E 27 12.05 -1.37 -53.49
C GLY E 27 11.63 -2.83 -53.49
N VAL E 28 12.13 -3.56 -52.48
CA VAL E 28 11.89 -4.98 -52.26
C VAL E 28 12.42 -5.87 -53.36
N GLU E 29 13.65 -5.56 -53.77
CA GLU E 29 14.34 -6.28 -54.82
C GLU E 29 15.39 -7.16 -54.14
N SER E 30 15.24 -8.47 -54.34
CA SER E 30 16.09 -9.49 -53.74
C SER E 30 17.54 -9.65 -54.20
N LYS E 31 18.46 -9.32 -53.27
CA LYS E 31 19.93 -9.39 -53.41
C LYS E 31 20.43 -8.81 -52.08
N PHE E 32 19.70 -7.81 -51.62
CA PHE E 32 19.94 -7.10 -50.37
C PHE E 32 21.26 -6.37 -50.24
N SER E 33 21.82 -6.00 -51.37
CA SER E 33 23.10 -5.29 -51.37
C SER E 33 22.91 -3.91 -50.73
N THR E 34 23.97 -3.40 -50.11
CA THR E 34 23.92 -2.10 -49.49
C THR E 34 25.06 -1.25 -50.06
N THR E 35 25.10 0.02 -49.68
CA THR E 35 26.11 0.93 -50.18
C THR E 35 27.04 1.48 -49.10
N PRO E 36 28.36 1.17 -49.22
CA PRO E 36 29.36 1.65 -48.25
C PRO E 36 29.46 3.17 -48.33
N VAL E 37 29.55 3.83 -47.18
CA VAL E 37 29.62 5.29 -47.19
C VAL E 37 30.70 5.87 -48.08
N ASN E 38 31.79 5.13 -48.30
CA ASN E 38 32.85 5.62 -49.17
C ASN E 38 32.32 5.86 -50.57
N ASP E 39 31.67 4.85 -51.14
CA ASP E 39 31.11 4.97 -52.49
C ASP E 39 30.18 6.17 -52.61
N ILE E 40 29.72 6.69 -51.48
CA ILE E 40 28.81 7.83 -51.49
C ILE E 40 29.50 9.19 -51.38
N PHE E 41 30.49 9.30 -50.49
CA PHE E 41 31.16 10.56 -50.29
C PHE E 41 32.55 10.72 -50.86
N LYS E 42 33.27 9.61 -51.04
CA LYS E 42 34.63 9.68 -51.55
C LYS E 42 34.74 10.42 -52.88
N ASP E 43 35.65 11.37 -52.94
CA ASP E 43 35.91 12.14 -54.15
C ASP E 43 34.69 12.83 -54.73
N LYS E 44 33.68 13.11 -53.90
CA LYS E 44 32.48 13.77 -54.41
C LYS E 44 32.00 14.93 -53.54
N LYS E 45 31.22 15.82 -54.14
CA LYS E 45 30.62 16.94 -53.43
C LYS E 45 29.21 16.47 -53.14
N VAL E 46 28.90 16.25 -51.87
CA VAL E 46 27.57 15.75 -51.55
C VAL E 46 26.73 16.66 -50.68
N VAL E 47 25.47 16.83 -51.07
CA VAL E 47 24.53 17.61 -50.29
C VAL E 47 23.61 16.52 -49.73
N ILE E 48 23.55 16.41 -48.41
CA ILE E 48 22.72 15.39 -47.80
C ILE E 48 21.89 15.93 -46.67
N PHE E 49 20.62 15.52 -46.62
CA PHE E 49 19.75 15.94 -45.55
C PHE E 49 19.02 14.74 -44.98
N GLY E 50 18.85 14.72 -43.66
CA GLY E 50 18.16 13.63 -43.01
C GLY E 50 16.91 14.15 -42.32
N LEU E 51 15.97 13.27 -42.05
CA LEU E 51 14.73 13.67 -41.41
C LEU E 51 14.18 12.54 -40.55
N PRO E 52 13.29 12.87 -39.61
CA PRO E 52 12.68 11.88 -38.73
C PRO E 52 12.21 10.60 -39.42
N GLY E 53 11.62 10.72 -40.60
CA GLY E 53 11.20 9.50 -41.27
C GLY E 53 10.04 9.58 -42.23
N ALA E 54 9.96 8.59 -43.11
CA ALA E 54 8.91 8.52 -44.11
C ALA E 54 7.52 8.66 -43.48
N TYR E 55 6.64 9.36 -44.19
CA TYR E 55 5.27 9.58 -43.76
C TYR E 55 5.10 10.33 -42.44
N THR E 56 6.06 11.17 -42.08
CA THR E 56 5.93 11.94 -40.83
C THR E 56 5.72 13.43 -40.99
N GLY E 57 5.40 14.06 -39.87
CA GLY E 57 5.13 15.49 -39.77
C GLY E 57 5.22 16.34 -41.02
N VAL E 58 6.14 17.31 -40.98
CA VAL E 58 6.34 18.23 -42.10
C VAL E 58 7.51 17.85 -43.01
N CYS E 59 7.84 16.57 -43.05
CA CYS E 59 8.92 16.09 -43.91
C CYS E 59 8.44 16.14 -45.35
N SER E 60 7.45 15.30 -45.65
CA SER E 60 6.86 15.22 -46.98
C SER E 60 5.84 16.34 -47.15
N SER E 61 6.28 17.56 -46.86
CA SER E 61 5.40 18.72 -46.98
C SER E 61 6.19 20.00 -47.23
N LYS E 62 7.27 20.21 -46.48
CA LYS E 62 8.07 21.41 -46.63
C LYS E 62 9.58 21.15 -46.75
N HIS E 63 10.02 19.99 -46.29
CA HIS E 63 11.44 19.68 -46.34
C HIS E 63 11.94 19.13 -47.66
N VAL E 64 11.33 18.03 -48.12
CA VAL E 64 11.79 17.41 -49.36
C VAL E 64 11.62 18.23 -50.64
N PRO E 65 10.39 18.69 -50.95
CA PRO E 65 10.15 19.48 -52.16
C PRO E 65 11.23 20.51 -52.55
N PRO E 66 11.58 21.43 -51.62
CA PRO E 66 12.59 22.44 -51.93
C PRO E 66 13.86 21.88 -52.58
N TYR E 67 14.29 20.70 -52.12
CA TYR E 67 15.50 20.09 -52.66
C TYR E 67 15.26 19.61 -54.09
N LYS E 68 14.09 19.05 -54.34
CA LYS E 68 13.74 18.57 -55.68
C LYS E 68 13.67 19.77 -56.63
N HIS E 69 12.99 20.81 -56.19
CA HIS E 69 12.81 22.02 -56.98
C HIS E 69 14.12 22.77 -57.29
N ASN E 70 15.15 22.59 -56.48
CA ASN E 70 16.41 23.27 -56.73
C ASN E 70 17.50 22.32 -57.15
N ILE E 71 17.11 21.11 -57.55
CA ILE E 71 18.09 20.13 -57.96
C ILE E 71 19.06 20.69 -59.01
N ASP E 72 18.57 21.57 -59.87
CA ASP E 72 19.40 22.16 -60.91
C ASP E 72 20.43 23.13 -60.33
N LYS E 73 19.96 24.05 -59.48
CA LYS E 73 20.87 25.01 -58.88
C LYS E 73 22.01 24.29 -58.20
N PHE E 74 21.73 23.15 -57.60
CA PHE E 74 22.76 22.38 -56.92
C PHE E 74 23.82 21.90 -57.92
N LYS E 75 23.37 21.20 -58.96
CA LYS E 75 24.29 20.69 -59.95
C LYS E 75 25.04 21.84 -60.62
N ALA E 76 24.43 23.02 -60.62
CA ALA E 76 25.06 24.18 -61.23
C ALA E 76 26.27 24.58 -60.38
N LYS E 77 26.20 24.28 -59.09
CA LYS E 77 27.29 24.60 -58.19
C LYS E 77 28.32 23.47 -58.16
N GLY E 78 28.06 22.42 -58.93
CA GLY E 78 28.98 21.29 -58.98
C GLY E 78 28.67 20.15 -58.04
N VAL E 79 27.51 20.18 -57.40
CA VAL E 79 27.15 19.13 -56.47
C VAL E 79 27.00 17.81 -57.21
N ASP E 80 27.73 16.79 -56.78
CA ASP E 80 27.67 15.49 -57.40
C ASP E 80 26.35 14.79 -57.14
N SER E 81 25.91 14.79 -55.89
CA SER E 81 24.67 14.14 -55.56
C SER E 81 23.94 14.80 -54.40
N VAL E 82 22.61 14.73 -54.46
CA VAL E 82 21.77 15.30 -53.43
C VAL E 82 21.02 14.11 -52.84
N ILE E 83 21.26 13.81 -51.57
CA ILE E 83 20.59 12.65 -51.00
C ILE E 83 19.82 12.89 -49.72
N CYS E 84 18.78 12.10 -49.57
CA CYS E 84 17.90 12.15 -48.41
C CYS E 84 18.09 10.83 -47.68
N VAL E 85 18.38 10.92 -46.38
CA VAL E 85 18.58 9.71 -45.61
C VAL E 85 17.63 9.74 -44.42
N ALA E 86 17.22 8.56 -43.97
CA ALA E 86 16.30 8.45 -42.85
C ALA E 86 16.35 7.06 -42.21
N ILE E 87 16.14 7.00 -40.90
CA ILE E 87 16.14 5.74 -40.21
C ILE E 87 14.79 5.07 -40.46
N ASN E 88 14.71 4.44 -41.63
CA ASN E 88 13.54 3.70 -42.11
C ASN E 88 14.13 2.58 -42.94
N ASP E 89 13.42 1.47 -43.08
CA ASP E 89 13.94 0.39 -43.92
C ASP E 89 13.90 0.99 -45.32
N PRO E 90 14.74 0.49 -46.24
CA PRO E 90 14.78 1.01 -47.61
C PRO E 90 13.49 0.86 -48.41
N TYR E 91 12.64 -0.09 -48.03
CA TYR E 91 11.39 -0.32 -48.77
C TYR E 91 10.35 0.74 -48.44
N THR E 92 10.35 1.24 -47.21
CA THR E 92 9.40 2.28 -46.82
C THR E 92 9.88 3.63 -47.33
N VAL E 93 11.19 3.83 -47.32
CA VAL E 93 11.75 5.08 -47.79
C VAL E 93 11.37 5.22 -49.25
N ASN E 94 11.40 4.09 -49.96
CA ASN E 94 11.05 4.07 -51.38
C ASN E 94 9.57 4.30 -51.63
N ALA E 95 8.73 3.58 -50.89
CA ALA E 95 7.30 3.74 -51.03
C ALA E 95 7.00 5.21 -50.89
N TRP E 96 7.57 5.81 -49.86
CA TRP E 96 7.40 7.23 -49.57
C TRP E 96 7.99 8.12 -50.66
N ALA E 97 9.18 7.78 -51.14
CA ALA E 97 9.83 8.56 -52.19
C ALA E 97 8.98 8.56 -53.45
N GLU E 98 8.36 7.41 -53.75
CA GLU E 98 7.49 7.30 -54.92
C GLU E 98 6.26 8.17 -54.71
N LYS E 99 5.64 8.01 -53.55
CA LYS E 99 4.44 8.76 -53.18
C LYS E 99 4.59 10.26 -53.41
N ILE E 100 5.72 10.82 -53.01
CA ILE E 100 5.94 12.26 -53.16
C ILE E 100 6.75 12.56 -54.41
N GLN E 101 6.72 11.63 -55.37
CA GLN E 101 7.44 11.79 -56.62
C GLN E 101 8.74 12.57 -56.43
N ALA E 102 9.53 12.15 -55.45
CA ALA E 102 10.79 12.83 -55.18
C ALA E 102 11.99 12.06 -55.72
N LYS E 103 11.78 10.80 -56.14
CA LYS E 103 12.89 10.01 -56.67
C LYS E 103 13.33 10.68 -57.96
N ASP E 104 14.28 10.05 -58.65
CA ASP E 104 14.81 10.55 -59.93
C ASP E 104 15.41 11.96 -59.84
N ALA E 105 15.04 12.68 -58.79
CA ALA E 105 15.53 14.03 -58.57
C ALA E 105 16.54 13.96 -57.42
N ILE E 106 16.15 13.22 -56.39
CA ILE E 106 16.95 13.05 -55.19
C ILE E 106 17.18 11.56 -54.91
N GLU E 107 18.40 11.19 -54.56
CA GLU E 107 18.73 9.79 -54.22
C GLU E 107 18.31 9.50 -52.77
N PHE E 108 17.37 8.60 -52.59
CA PHE E 108 16.90 8.27 -51.25
C PHE E 108 17.60 7.06 -50.67
N TYR E 109 18.08 7.16 -49.44
CA TYR E 109 18.74 6.05 -48.78
C TYR E 109 18.08 5.78 -47.44
N GLY E 110 18.24 4.55 -46.96
CA GLY E 110 17.69 4.19 -45.66
C GLY E 110 18.86 3.96 -44.72
N ASP E 111 18.57 3.84 -43.42
CA ASP E 111 19.57 3.60 -42.38
C ASP E 111 18.83 2.86 -41.29
N PHE E 112 18.32 1.67 -41.62
CA PHE E 112 17.54 0.89 -40.66
C PHE E 112 18.25 0.62 -39.35
N ASP E 113 19.58 0.49 -39.40
CA ASP E 113 20.41 0.28 -38.21
C ASP E 113 20.34 1.51 -37.34
N GLY E 114 20.42 2.66 -38.00
CA GLY E 114 20.48 3.92 -37.29
C GLY E 114 21.96 4.10 -37.05
N SER E 115 22.74 3.11 -37.51
CA SER E 115 24.18 3.15 -37.32
C SER E 115 24.82 4.34 -37.99
N PHE E 116 24.31 4.75 -39.15
CA PHE E 116 24.92 5.89 -39.81
C PHE E 116 24.81 7.11 -38.91
N HIS E 117 23.61 7.41 -38.44
CA HIS E 117 23.41 8.58 -37.58
C HIS E 117 24.04 8.43 -36.21
N LYS E 118 24.10 7.20 -35.72
CA LYS E 118 24.67 6.94 -34.42
C LYS E 118 26.17 7.32 -34.45
N SER E 119 26.82 7.07 -35.57
CA SER E 119 28.23 7.37 -35.69
C SER E 119 28.49 8.88 -35.78
N LEU E 120 27.44 9.63 -36.08
CA LEU E 120 27.58 11.07 -36.20
C LEU E 120 26.85 11.73 -35.04
N GLU E 121 26.27 10.90 -34.16
CA GLU E 121 25.51 11.37 -33.00
C GLU E 121 24.34 12.25 -33.42
N LEU E 122 23.64 11.80 -34.46
CA LEU E 122 22.48 12.53 -34.97
C LEU E 122 21.19 11.77 -34.73
N THR E 123 21.11 11.00 -33.65
CA THR E 123 19.88 10.27 -33.35
C THR E 123 19.21 10.98 -32.18
N THR E 124 17.89 10.96 -32.15
CA THR E 124 17.14 11.60 -31.07
C THR E 124 15.97 10.69 -30.76
N ASP E 125 15.51 10.68 -29.52
CA ASP E 125 14.41 9.80 -29.15
C ASP E 125 13.04 10.40 -29.43
N LEU E 126 12.32 9.83 -30.40
CA LEU E 126 11.00 10.32 -30.77
C LEU E 126 9.91 9.33 -30.41
N SER E 127 10.07 8.67 -29.26
CA SER E 127 9.09 7.69 -28.81
C SER E 127 7.78 8.36 -28.41
N ALA E 128 7.84 9.63 -28.04
CA ALA E 128 6.63 10.33 -27.66
C ALA E 128 5.74 10.47 -28.89
N GLY E 129 6.37 10.63 -30.05
CA GLY E 129 5.63 10.76 -31.29
C GLY E 129 5.29 9.42 -31.92
N LEU E 130 5.61 8.33 -31.23
CA LEU E 130 5.34 6.98 -31.71
C LEU E 130 6.28 6.47 -32.80
N LEU E 131 7.42 7.14 -32.97
CA LEU E 131 8.45 6.74 -33.91
C LEU E 131 9.54 6.31 -32.96
N GLY E 132 10.30 5.27 -33.28
CA GLY E 132 11.33 4.90 -32.31
C GLY E 132 12.45 5.92 -32.22
N ILE E 133 13.67 5.44 -32.04
CA ILE E 133 14.84 6.30 -31.99
C ILE E 133 15.06 6.67 -33.45
N ARG E 134 15.04 7.96 -33.76
CA ARG E 134 15.22 8.38 -35.14
C ARG E 134 16.34 9.41 -35.28
N SER E 135 16.53 9.93 -36.47
CA SER E 135 17.57 10.92 -36.71
C SER E 135 16.97 12.30 -36.53
N GLU E 136 17.83 13.29 -36.34
CA GLU E 136 17.35 14.64 -36.16
C GLU E 136 17.14 15.15 -37.58
N ARG E 137 16.59 16.34 -37.70
CA ARG E 137 16.41 16.89 -39.03
C ARG E 137 17.66 17.73 -39.28
N TRP E 138 18.44 17.31 -40.27
CA TRP E 138 19.68 17.99 -40.59
C TRP E 138 19.95 18.01 -42.09
N SER E 139 20.96 18.77 -42.48
CA SER E 139 21.38 18.87 -43.86
C SER E 139 22.85 19.20 -43.75
N ALA E 140 23.64 18.80 -44.74
CA ALA E 140 25.07 19.07 -44.72
C ALA E 140 25.68 18.98 -46.10
N TYR E 141 26.73 19.74 -46.31
CA TYR E 141 27.44 19.74 -47.57
C TYR E 141 28.77 19.08 -47.23
N VAL E 142 29.04 17.94 -47.86
CA VAL E 142 30.25 17.19 -47.60
C VAL E 142 31.12 17.02 -48.84
N VAL E 143 32.37 17.46 -48.75
CA VAL E 143 33.32 17.36 -49.85
C VAL E 143 34.37 16.30 -49.57
N ASP E 144 34.39 15.27 -50.40
CA ASP E 144 35.33 14.16 -50.23
C ASP E 144 35.31 13.69 -48.79
N GLY E 145 34.11 13.53 -48.25
CA GLY E 145 33.97 13.06 -46.88
C GLY E 145 34.12 14.08 -45.77
N LYS E 146 34.53 15.30 -46.10
CA LYS E 146 34.68 16.32 -45.05
C LYS E 146 33.49 17.26 -45.00
N VAL E 147 32.98 17.47 -43.80
CA VAL E 147 31.82 18.33 -43.60
C VAL E 147 32.19 19.79 -43.66
N LYS E 148 31.83 20.44 -44.75
CA LYS E 148 32.12 21.86 -44.94
C LYS E 148 31.01 22.71 -44.32
N ALA E 149 29.80 22.17 -44.27
CA ALA E 149 28.66 22.89 -43.69
C ALA E 149 27.70 21.90 -43.05
N LEU E 150 27.25 22.24 -41.85
CA LEU E 150 26.35 21.38 -41.10
C LEU E 150 25.18 22.18 -40.51
N ASN E 151 23.97 21.66 -40.66
CA ASN E 151 22.80 22.32 -40.14
C ASN E 151 21.93 21.32 -39.42
N VAL E 152 21.72 21.53 -38.12
CA VAL E 152 20.89 20.62 -37.35
C VAL E 152 19.76 21.41 -36.71
N GLU E 153 18.52 21.09 -37.05
CA GLU E 153 17.36 21.79 -36.48
C GLU E 153 17.40 21.67 -34.96
N GLU E 154 16.91 22.69 -34.25
CA GLU E 154 16.90 22.64 -32.79
C GLU E 154 15.83 21.66 -32.35
N SER E 155 14.76 21.59 -33.14
CA SER E 155 13.67 20.69 -32.87
C SER E 155 13.39 19.94 -34.18
N PRO E 156 13.37 18.61 -34.14
CA PRO E 156 13.12 17.83 -35.36
C PRO E 156 11.90 18.25 -36.19
N SER E 157 10.93 18.90 -35.58
CA SER E 157 9.74 19.32 -36.32
C SER E 157 9.89 20.65 -37.04
N ASP E 158 10.99 21.35 -36.81
CA ASP E 158 11.26 22.63 -37.46
C ASP E 158 12.04 22.44 -38.75
N VAL E 159 11.82 23.32 -39.71
CA VAL E 159 12.56 23.27 -40.96
C VAL E 159 13.12 24.67 -41.16
N LYS E 160 13.85 25.13 -40.16
CA LYS E 160 14.43 26.46 -40.21
C LYS E 160 15.84 26.52 -40.78
N VAL E 161 16.68 25.53 -40.51
CA VAL E 161 18.05 25.58 -41.01
C VAL E 161 18.52 24.44 -41.92
N SER E 162 17.73 23.37 -42.03
CA SER E 162 18.12 22.24 -42.85
C SER E 162 17.47 22.26 -44.23
N GLY E 163 16.77 23.33 -44.55
CA GLY E 163 16.11 23.44 -45.84
C GLY E 163 17.08 23.56 -46.99
N ALA E 164 16.60 23.28 -48.21
CA ALA E 164 17.45 23.36 -49.41
C ALA E 164 17.97 24.77 -49.62
N GLU E 165 17.11 25.76 -49.40
CA GLU E 165 17.48 27.15 -49.59
C GLU E 165 18.73 27.51 -48.80
N THR E 166 18.81 27.09 -47.54
CA THR E 166 19.98 27.41 -46.73
C THR E 166 21.26 26.76 -47.21
N ILE E 167 21.30 25.43 -47.22
CA ILE E 167 22.48 24.69 -47.64
C ILE E 167 22.96 25.19 -48.99
N LEU E 168 22.03 25.54 -49.86
CA LEU E 168 22.38 26.02 -51.18
C LEU E 168 23.21 27.29 -51.07
N GLY E 169 22.82 28.18 -50.17
CA GLY E 169 23.53 29.42 -50.00
C GLY E 169 24.88 29.23 -49.33
N GLN E 170 25.16 28.01 -48.89
CA GLN E 170 26.42 27.72 -48.21
C GLN E 170 27.47 27.04 -49.06
N ILE E 171 27.06 26.53 -50.23
CA ILE E 171 28.00 25.85 -51.11
C ILE E 171 28.82 26.87 -51.88
N LEU F 10 -14.38 -46.51 14.61
CA LEU F 10 -13.06 -46.21 13.98
C LEU F 10 -12.25 -45.28 14.87
N SER F 11 -12.57 -45.29 16.17
CA SER F 11 -11.83 -44.43 17.08
C SER F 11 -10.32 -44.68 16.94
N ALA F 12 -9.55 -43.59 16.85
CA ALA F 12 -8.10 -43.67 16.81
C ALA F 12 -7.70 -44.50 18.04
N ALA F 13 -6.54 -45.14 18.01
CA ALA F 13 -6.14 -45.98 19.15
C ALA F 13 -4.64 -46.35 19.24
N SER F 14 -4.07 -46.77 18.12
CA SER F 14 -2.66 -47.18 18.01
C SER F 14 -2.50 -47.72 16.59
N ASN F 15 -3.06 -46.96 15.66
CA ASN F 15 -3.12 -47.29 14.23
C ASN F 15 -2.40 -46.26 13.34
N VAL F 16 -2.71 -46.30 12.05
CA VAL F 16 -2.09 -45.39 11.08
C VAL F 16 -3.01 -44.21 10.78
N SER F 17 -2.76 -43.07 11.42
CA SER F 17 -3.57 -41.88 11.18
C SER F 17 -3.72 -41.58 9.69
N LEU F 18 -2.72 -41.96 8.89
CA LEU F 18 -2.77 -41.68 7.47
C LEU F 18 -4.10 -42.00 6.75
N GLN F 19 -4.91 -40.92 6.64
CA GLN F 19 -6.24 -40.83 6.01
C GLN F 19 -6.16 -39.56 5.14
N LYS F 20 -6.52 -39.65 3.85
CA LYS F 20 -6.43 -38.50 2.91
C LYS F 20 -7.01 -37.10 3.26
N ALA F 21 -7.03 -36.73 4.54
CA ALA F 21 -7.53 -35.43 4.94
C ALA F 21 -6.41 -34.39 4.80
N ARG F 22 -6.62 -33.19 5.35
CA ARG F 22 -5.61 -32.12 5.30
C ARG F 22 -5.99 -31.01 6.29
N THR F 23 -4.99 -30.28 6.79
CA THR F 23 -5.24 -29.19 7.75
C THR F 23 -4.67 -27.81 7.28
N TRP F 24 -4.98 -26.69 7.97
CA TRP F 24 -4.56 -25.32 7.55
C TRP F 24 -3.51 -24.50 8.40
N ASP F 25 -3.69 -23.20 8.79
CA ASP F 25 -2.56 -22.47 9.51
C ASP F 25 -2.37 -20.96 10.11
N GLU F 26 -2.16 -20.25 9.08
CA GLU F 26 -1.87 -19.16 8.26
C GLU F 26 -2.33 -17.80 8.67
N GLY F 27 -2.39 -16.76 7.86
CA GLY F 27 -2.91 -15.51 8.46
C GLY F 27 -3.53 -14.56 7.46
N VAL F 28 -4.55 -15.06 6.76
CA VAL F 28 -5.29 -14.35 5.69
C VAL F 28 -4.39 -13.97 4.52
N GLU F 29 -3.56 -14.93 4.11
CA GLU F 29 -2.62 -14.78 3.03
C GLU F 29 -3.22 -15.56 1.83
N SER F 30 -3.48 -14.82 0.76
CA SER F 30 -4.10 -15.35 -0.46
C SER F 30 -3.30 -16.29 -1.36
N LYS F 31 -3.75 -17.55 -1.41
CA LYS F 31 -3.21 -18.67 -2.22
C LYS F 31 -4.09 -19.85 -1.81
N PHE F 32 -4.43 -19.84 -0.53
CA PHE F 32 -5.27 -20.84 0.13
C PHE F 32 -4.76 -22.28 0.12
N SER F 33 -3.43 -22.42 0.09
CA SER F 33 -2.80 -23.72 0.09
C SER F 33 -3.06 -24.48 1.39
N THR F 34 -3.26 -25.79 1.25
CA THR F 34 -3.51 -26.63 2.39
C THR F 34 -2.38 -27.67 2.52
N THR F 35 -2.27 -28.31 3.67
CA THR F 35 -1.20 -29.30 3.89
C THR F 35 -1.70 -30.72 4.08
N PRO F 36 -1.35 -31.61 3.13
CA PRO F 36 -1.76 -33.02 3.19
C PRO F 36 -1.20 -33.69 4.43
N VAL F 37 -2.01 -34.48 5.12
CA VAL F 37 -1.55 -35.14 6.33
C VAL F 37 -0.25 -35.92 6.17
N ASN F 38 0.03 -36.40 4.97
CA ASN F 38 1.28 -37.13 4.77
C ASN F 38 2.48 -36.22 5.05
N ASP F 39 2.50 -35.05 4.42
CA ASP F 39 3.60 -34.11 4.61
C ASP F 39 3.81 -33.78 6.09
N ILE F 40 2.82 -34.08 6.91
CA ILE F 40 2.91 -33.80 8.34
C ILE F 40 3.43 -34.97 9.18
N PHE F 41 2.94 -36.17 8.91
CA PHE F 41 3.34 -37.32 9.70
C PHE F 41 4.29 -38.32 9.06
N LYS F 42 4.33 -38.35 7.73
CA LYS F 42 5.20 -39.31 7.05
C LYS F 42 6.67 -39.16 7.44
N ASP F 43 7.27 -40.28 7.82
CA ASP F 43 8.68 -40.31 8.19
C ASP F 43 9.06 -39.34 9.31
N LYS F 44 8.11 -38.98 10.16
CA LYS F 44 8.41 -38.05 11.25
C LYS F 44 7.84 -38.48 12.59
N LYS F 45 8.44 -37.98 13.67
CA LYS F 45 7.95 -38.25 15.01
C LYS F 45 7.15 -37.02 15.33
N VAL F 46 5.84 -37.17 15.46
CA VAL F 46 5.01 -36.01 15.74
C VAL F 46 4.26 -36.05 17.06
N VAL F 47 4.28 -34.92 17.77
CA VAL F 47 3.55 -34.79 19.00
C VAL F 47 2.46 -33.81 18.60
N ILE F 48 1.21 -34.23 18.72
CA ILE F 48 0.10 -33.38 18.32
C ILE F 48 -1.01 -33.39 19.35
N PHE F 49 -1.55 -32.21 19.61
CA PHE F 49 -2.65 -32.10 20.56
C PHE F 49 -3.75 -31.23 19.97
N GLY F 50 -4.99 -31.62 20.21
CA GLY F 50 -6.11 -30.85 19.70
C GLY F 50 -6.93 -30.32 20.87
N LEU F 51 -7.73 -29.29 20.61
CA LEU F 51 -8.54 -28.68 21.65
C LEU F 51 -9.82 -28.10 21.06
N PRO F 52 -10.85 -27.90 21.90
CA PRO F 52 -12.13 -27.35 21.47
C PRO F 52 -12.03 -26.16 20.52
N GLY F 53 -11.08 -25.28 20.75
CA GLY F 53 -10.96 -24.15 19.83
C GLY F 53 -10.40 -22.85 20.35
N ALA F 54 -9.93 -22.03 19.42
CA ALA F 54 -9.35 -20.73 19.74
C ALA F 54 -10.27 -19.92 20.63
N TYR F 55 -9.67 -19.18 21.56
CA TYR F 55 -10.40 -18.31 22.50
C TYR F 55 -11.42 -19.02 23.41
N THR F 56 -11.21 -20.30 23.71
CA THR F 56 -12.15 -21.00 24.58
C THR F 56 -11.62 -21.38 25.94
N GLY F 57 -12.54 -21.82 26.80
CA GLY F 57 -12.26 -22.23 28.16
C GLY F 57 -10.84 -22.15 28.68
N VAL F 58 -10.31 -23.31 29.09
CA VAL F 58 -8.96 -23.42 29.63
C VAL F 58 -7.92 -23.85 28.60
N CYS F 59 -8.17 -23.57 27.33
CA CYS F 59 -7.23 -23.93 26.27
C CYS F 59 -6.04 -22.97 26.35
N SER F 60 -6.32 -21.71 26.09
CA SER F 60 -5.30 -20.66 26.13
C SER F 60 -5.10 -20.22 27.56
N SER F 61 -4.86 -21.19 28.45
CA SER F 61 -4.66 -20.90 29.86
C SER F 61 -3.80 -21.97 30.54
N LYS F 62 -4.13 -23.24 30.27
CA LYS F 62 -3.38 -24.34 30.89
C LYS F 62 -2.92 -25.41 29.91
N HIS F 63 -3.55 -25.47 28.75
CA HIS F 63 -3.19 -26.50 27.79
C HIS F 63 -2.02 -26.17 26.88
N VAL F 64 -2.10 -25.03 26.20
CA VAL F 64 -1.04 -24.65 25.28
C VAL F 64 0.33 -24.34 25.91
N PRO F 65 0.38 -23.39 26.87
CA PRO F 65 1.65 -23.04 27.51
C PRO F 65 2.62 -24.19 27.81
N PRO F 66 2.17 -25.22 28.52
CA PRO F 66 3.05 -26.35 28.85
C PRO F 66 3.82 -26.90 27.68
N TYR F 67 3.18 -26.94 26.51
CA TYR F 67 3.83 -27.47 25.30
C TYR F 67 4.93 -26.51 24.82
N LYS F 68 4.64 -25.21 24.88
CA LYS F 68 5.61 -24.20 24.47
C LYS F 68 6.82 -24.27 25.40
N HIS F 69 6.53 -24.30 26.71
CA HIS F 69 7.56 -24.35 27.72
C HIS F 69 8.44 -25.59 27.70
N ASN F 70 7.96 -26.69 27.12
CA ASN F 70 8.76 -27.91 27.06
C ASN F 70 9.16 -28.24 25.63
N ILE F 71 9.06 -27.25 24.75
CA ILE F 71 9.42 -27.48 23.36
C ILE F 71 10.81 -28.10 23.24
N ASP F 72 11.73 -27.69 24.11
CA ASP F 72 13.09 -28.21 24.06
C ASP F 72 13.14 -29.68 24.47
N LYS F 73 12.52 -30.00 25.60
CA LYS F 73 12.53 -31.38 26.07
C LYS F 73 12.03 -32.31 24.97
N PHE F 74 11.05 -31.84 24.20
CA PHE F 74 10.50 -32.65 23.12
C PHE F 74 11.57 -32.92 22.06
N LYS F 75 12.16 -31.86 21.55
CA LYS F 75 13.19 -31.99 20.53
C LYS F 75 14.36 -32.81 21.05
N ALA F 76 14.55 -32.80 22.36
CA ALA F 76 15.63 -33.56 22.99
C ALA F 76 15.33 -35.05 22.83
N LYS F 77 14.04 -35.39 22.77
CA LYS F 77 13.65 -36.78 22.62
C LYS F 77 13.55 -37.16 21.16
N GLY F 78 13.86 -36.22 20.28
CA GLY F 78 13.83 -36.52 18.86
C GLY F 78 12.53 -36.19 18.14
N VAL F 79 11.63 -35.48 18.82
CA VAL F 79 10.36 -35.11 18.22
C VAL F 79 10.60 -34.12 17.07
N ASP F 80 10.12 -34.48 15.88
CA ASP F 80 10.30 -33.63 14.70
C ASP F 80 9.44 -32.36 14.79
N SER F 81 8.18 -32.52 15.18
CA SER F 81 7.30 -31.37 15.27
C SER F 81 6.24 -31.52 16.35
N VAL F 82 5.91 -30.39 16.95
CA VAL F 82 4.88 -30.33 18.00
C VAL F 82 3.77 -29.46 17.42
N ILE F 83 2.61 -30.05 17.19
CA ILE F 83 1.54 -29.26 16.62
C ILE F 83 0.22 -29.25 17.38
N CYS F 84 -0.46 -28.11 17.24
CA CYS F 84 -1.75 -27.87 17.87
C CYS F 84 -2.76 -27.78 16.75
N VAL F 85 -3.81 -28.58 16.84
CA VAL F 85 -4.83 -28.55 15.81
C VAL F 85 -6.18 -28.26 16.44
N ALA F 86 -7.06 -27.60 15.68
CA ALA F 86 -8.37 -27.24 16.18
C ALA F 86 -9.36 -26.96 15.06
N ILE F 87 -10.63 -27.30 15.29
CA ILE F 87 -11.65 -27.07 14.28
C ILE F 87 -12.01 -25.59 14.33
N ASN F 88 -11.17 -24.80 13.67
CA ASN F 88 -11.29 -23.35 13.57
C ASN F 88 -10.70 -23.03 12.21
N ASP F 89 -11.12 -21.94 11.57
CA ASP F 89 -10.55 -21.60 10.29
C ASP F 89 -9.12 -21.25 10.64
N PRO F 90 -8.19 -21.38 9.68
CA PRO F 90 -6.78 -21.06 9.92
C PRO F 90 -6.47 -19.62 10.31
N TYR F 91 -7.37 -18.69 10.01
CA TYR F 91 -7.13 -17.28 10.31
C TYR F 91 -7.39 -16.97 11.78
N THR F 92 -8.35 -17.67 12.38
CA THR F 92 -8.67 -17.48 13.78
C THR F 92 -7.64 -18.22 14.64
N VAL F 93 -7.22 -19.40 14.18
CA VAL F 93 -6.23 -20.18 14.90
C VAL F 93 -4.98 -19.32 15.02
N ASN F 94 -4.66 -18.62 13.95
CA ASN F 94 -3.49 -17.76 13.91
C ASN F 94 -3.63 -16.52 14.80
N ALA F 95 -4.78 -15.85 14.71
CA ALA F 95 -5.01 -14.68 15.52
C ALA F 95 -4.76 -15.09 16.96
N TRP F 96 -5.35 -16.22 17.32
CA TRP F 96 -5.24 -16.79 18.66
C TRP F 96 -3.81 -17.19 19.00
N ALA F 97 -3.13 -17.82 18.04
CA ALA F 97 -1.76 -18.26 18.26
C ALA F 97 -0.86 -17.06 18.52
N GLU F 98 -1.12 -15.96 17.82
CA GLU F 98 -0.33 -14.74 17.99
C GLU F 98 -0.62 -14.18 19.38
N LYS F 99 -1.89 -14.08 19.70
CA LYS F 99 -2.35 -13.54 20.98
C LYS F 99 -1.65 -14.19 22.16
N ILE F 100 -1.53 -15.51 22.15
CA ILE F 100 -0.88 -16.20 23.24
C ILE F 100 0.59 -16.50 22.95
N GLN F 101 1.18 -15.70 22.05
CA GLN F 101 2.58 -15.86 21.67
C GLN F 101 3.02 -17.31 21.70
N ALA F 102 2.25 -18.18 21.06
CA ALA F 102 2.57 -19.61 21.05
C ALA F 102 3.15 -20.06 19.72
N LYS F 103 3.08 -19.20 18.71
CA LYS F 103 3.65 -19.59 17.41
C LYS F 103 5.14 -19.70 17.59
N ASP F 104 5.86 -19.95 16.51
CA ASP F 104 7.31 -20.08 16.51
C ASP F 104 7.83 -21.18 17.43
N ALA F 105 6.99 -21.59 18.36
CA ALA F 105 7.35 -22.65 19.31
C ALA F 105 6.58 -23.90 18.92
N ILE F 106 5.32 -23.69 18.58
CA ILE F 106 4.40 -24.76 18.20
C ILE F 106 3.77 -24.42 16.86
N GLU F 107 3.67 -25.43 15.99
CA GLU F 107 3.05 -25.25 14.67
C GLU F 107 1.54 -25.37 14.80
N PHE F 108 0.81 -24.30 14.53
CA PHE F 108 -0.64 -24.32 14.65
C PHE F 108 -1.33 -24.62 13.33
N TYR F 109 -2.27 -25.54 13.35
CA TYR F 109 -3.02 -25.90 12.16
C TYR F 109 -4.52 -25.78 12.43
N GLY F 110 -5.29 -25.58 11.36
CA GLY F 110 -6.72 -25.53 11.49
C GLY F 110 -7.31 -26.76 10.83
N ASP F 111 -8.61 -27.00 11.06
CA ASP F 111 -9.33 -28.14 10.47
C ASP F 111 -10.77 -27.66 10.34
N PHE F 112 -10.99 -26.61 9.54
CA PHE F 112 -12.32 -26.04 9.38
C PHE F 112 -13.38 -27.07 8.99
N ASP F 113 -12.99 -28.06 8.19
CA ASP F 113 -13.89 -29.13 7.74
C ASP F 113 -14.32 -29.94 8.95
N GLY F 114 -13.33 -30.22 9.80
CA GLY F 114 -13.57 -31.05 10.96
C GLY F 114 -13.31 -32.43 10.40
N SER F 115 -12.95 -32.48 9.13
CA SER F 115 -12.70 -33.74 8.47
C SER F 115 -11.56 -34.50 9.10
N PHE F 116 -10.52 -33.78 9.52
CA PHE F 116 -9.41 -34.48 10.14
C PHE F 116 -9.87 -35.26 11.35
N HIS F 117 -10.55 -34.58 12.28
CA HIS F 117 -11.03 -35.25 13.49
C HIS F 117 -12.15 -36.25 13.22
N LYS F 118 -12.96 -35.99 12.21
CA LYS F 118 -14.06 -36.88 11.88
C LYS F 118 -13.48 -38.25 11.46
N SER F 119 -12.35 -38.23 10.76
CA SER F 119 -11.74 -39.47 10.30
C SER F 119 -11.11 -40.25 11.45
N LEU F 120 -10.93 -39.59 12.58
CA LEU F 120 -10.34 -40.24 13.74
C LEU F 120 -11.41 -40.38 14.83
N GLU F 121 -12.61 -39.91 14.51
CA GLU F 121 -13.75 -39.95 15.44
C GLU F 121 -13.43 -39.17 16.72
N LEU F 122 -12.84 -37.99 16.53
CA LEU F 122 -12.48 -37.14 17.64
C LEU F 122 -13.31 -35.86 17.67
N THR F 123 -14.54 -35.92 17.21
CA THR F 123 -15.40 -34.75 17.23
C THR F 123 -16.45 -34.97 18.32
N THR F 124 -16.85 -33.89 18.98
CA THR F 124 -17.86 -33.97 20.03
C THR F 124 -18.75 -32.75 19.86
N ASP F 125 -20.01 -32.85 20.25
CA ASP F 125 -20.92 -31.73 20.08
C ASP F 125 -20.88 -30.76 21.24
N LEU F 126 -20.39 -29.55 20.97
CA LEU F 126 -20.29 -28.53 22.01
C LEU F 126 -21.23 -27.37 21.73
N SER F 127 -22.42 -27.69 21.24
CA SER F 127 -23.41 -26.67 20.95
C SER F 127 -23.95 -26.02 22.21
N ALA F 128 -23.88 -26.75 23.32
CA ALA F 128 -24.37 -26.19 24.57
C ALA F 128 -23.49 -25.02 24.97
N GLY F 129 -22.20 -25.15 24.65
CA GLY F 129 -21.24 -24.10 24.97
C GLY F 129 -21.18 -23.01 23.90
N LEU F 130 -22.04 -23.12 22.90
CA LEU F 130 -22.09 -22.13 21.82
C LEU F 130 -20.97 -22.26 20.77
N LEU F 131 -20.30 -23.41 20.75
CA LEU F 131 -19.28 -23.70 19.77
C LEU F 131 -19.96 -24.81 18.98
N GLY F 132 -19.75 -24.88 17.68
CA GLY F 132 -20.44 -25.96 16.98
C GLY F 132 -19.89 -27.33 17.32
N ILE F 133 -19.85 -28.19 16.32
CA ILE F 133 -19.30 -29.52 16.49
C ILE F 133 -17.80 -29.27 16.51
N ARG F 134 -17.12 -29.65 17.58
CA ARG F 134 -15.69 -29.43 17.66
C ARG F 134 -14.93 -30.71 17.99
N SER F 135 -13.63 -30.60 18.16
CA SER F 135 -12.82 -31.77 18.49
C SER F 135 -12.74 -31.92 19.99
N GLU F 136 -12.38 -33.11 20.44
CA GLU F 136 -12.25 -33.34 21.87
C GLU F 136 -10.87 -32.81 22.23
N ARG F 137 -10.54 -32.80 23.52
CA ARG F 137 -9.22 -32.35 23.90
C ARG F 137 -8.38 -33.63 23.96
N TRP F 138 -7.39 -33.70 23.07
CA TRP F 138 -6.54 -34.86 23.01
C TRP F 138 -5.10 -34.47 22.68
N SER F 139 -4.22 -35.47 22.78
CA SER F 139 -2.81 -35.31 22.49
C SER F 139 -2.37 -36.68 22.05
N ALA F 140 -1.35 -36.76 21.22
CA ALA F 140 -0.89 -38.04 20.76
C ALA F 140 0.51 -37.96 20.18
N TYR F 141 1.24 -39.06 20.30
CA TYR F 141 2.58 -39.14 19.76
C TYR F 141 2.48 -40.08 18.57
N VAL F 142 2.78 -39.57 17.38
CA VAL F 142 2.66 -40.37 16.18
C VAL F 142 3.98 -40.51 15.42
N VAL F 143 4.40 -41.75 15.21
CA VAL F 143 5.65 -42.03 14.51
C VAL F 143 5.34 -42.58 13.12
N ASP F 144 5.81 -41.85 12.11
CA ASP F 144 5.59 -42.24 10.72
C ASP F 144 4.13 -42.60 10.50
N GLY F 145 3.24 -41.77 11.05
CA GLY F 145 1.82 -42.02 10.87
C GLY F 145 1.18 -43.00 11.82
N LYS F 146 1.97 -43.70 12.63
CA LYS F 146 1.37 -44.67 13.57
C LYS F 146 1.26 -44.10 14.98
N VAL F 147 0.09 -44.27 15.58
CA VAL F 147 -0.16 -43.75 16.91
C VAL F 147 0.44 -44.63 17.98
N LYS F 148 1.53 -44.15 18.57
CA LYS F 148 2.21 -44.89 19.63
C LYS F 148 1.60 -44.58 20.99
N ALA F 149 1.03 -43.38 21.12
CA ALA F 149 0.40 -42.98 22.36
C ALA F 149 -0.76 -42.05 22.08
N LEU F 150 -1.89 -42.31 22.74
CA LEU F 150 -3.10 -41.52 22.56
C LEU F 150 -3.74 -41.14 23.89
N ASN F 151 -4.11 -39.87 24.02
CA ASN F 151 -4.72 -39.35 25.24
C ASN F 151 -5.95 -38.53 24.90
N VAL F 152 -7.10 -38.95 25.36
CA VAL F 152 -8.33 -38.21 25.10
C VAL F 152 -8.99 -37.87 26.42
N GLU F 153 -9.13 -36.58 26.71
CA GLU F 153 -9.77 -36.16 27.96
C GLU F 153 -11.17 -36.76 28.04
N GLU F 154 -11.64 -37.04 29.24
CA GLU F 154 -12.98 -37.60 29.41
C GLU F 154 -13.99 -36.50 29.16
N SER F 155 -13.60 -35.28 29.50
CA SER F 155 -14.45 -34.11 29.32
C SER F 155 -13.58 -33.06 28.66
N PRO F 156 -14.02 -32.52 27.50
CA PRO F 156 -13.23 -31.51 26.80
C PRO F 156 -12.70 -30.34 27.64
N SER F 157 -13.34 -30.06 28.78
CA SER F 157 -12.89 -28.96 29.62
C SER F 157 -11.78 -29.33 30.61
N ASP F 158 -11.45 -30.62 30.68
CA ASP F 158 -10.39 -31.10 31.58
C ASP F 158 -9.06 -31.17 30.85
N VAL F 159 -7.98 -30.96 31.58
CA VAL F 159 -6.65 -31.03 31.01
C VAL F 159 -5.88 -31.98 31.90
N LYS F 160 -6.43 -33.17 32.07
CA LYS F 160 -5.81 -34.18 32.93
C LYS F 160 -4.86 -35.13 32.21
N VAL F 161 -5.17 -35.51 30.97
CA VAL F 161 -4.32 -36.46 30.27
C VAL F 161 -3.70 -36.01 28.95
N SER F 162 -4.19 -34.91 28.40
CA SER F 162 -3.64 -34.43 27.12
C SER F 162 -2.57 -33.37 27.27
N GLY F 163 -2.18 -33.07 28.52
CA GLY F 163 -1.15 -32.08 28.76
C GLY F 163 0.22 -32.45 28.22
N ALA F 164 1.10 -31.45 28.08
CA ALA F 164 2.44 -31.70 27.57
C ALA F 164 3.23 -32.62 28.50
N GLU F 165 3.06 -32.41 29.79
CA GLU F 165 3.76 -33.21 30.80
C GLU F 165 3.55 -34.71 30.58
N THR F 166 2.30 -35.11 30.36
CA THR F 166 1.99 -36.52 30.16
C THR F 166 2.59 -37.12 28.89
N ILE F 167 2.21 -36.59 27.74
CA ILE F 167 2.72 -37.08 26.47
C ILE F 167 4.24 -37.13 26.46
N LEU F 168 4.86 -36.17 27.13
CA LEU F 168 6.31 -36.12 27.19
C LEU F 168 6.85 -37.38 27.88
N GLY F 169 6.19 -37.77 28.96
CA GLY F 169 6.62 -38.95 29.70
C GLY F 169 6.32 -40.25 28.96
N GLN F 170 5.64 -40.14 27.82
CA GLN F 170 5.29 -41.32 27.04
C GLN F 170 6.17 -41.55 25.82
N ILE F 171 6.95 -40.54 25.44
CA ILE F 171 7.82 -40.68 24.28
C ILE F 171 9.09 -41.47 24.64
#